data_8V1L
#
_entry.id   8V1L
#
_cell.length_a   52.170
_cell.length_b   84.690
_cell.length_c   102.150
_cell.angle_alpha   90.00
_cell.angle_beta   91.26
_cell.angle_gamma   90.00
#
_symmetry.space_group_name_H-M   'P 1 21 1'
#
loop_
_entity.id
_entity.type
_entity.pdbx_description
1 polymer 'Ras GTPase-activating protein-binding protein 1'
2 non-polymer N-[(2S)-2-fluoro-4,4-dimethylpentanoyl]-3-hydroxy-L-valyl-(betaS)-beta-methyl-L-phenylalanyl-D-alanyl-N-benzyl-N,O-dimethyl-L-homoserinamide
3 water water
#
_entity_poly.entity_id   1
_entity_poly.type   'polypeptide(L)'
_entity_poly.pdbx_seq_one_letter_code
;MVMEKPSPLLVGREFVRQYYTLLNQAPDMLHRFYGKNSSYVHGGLDSNGKPADAVYGQKEIHRKVMSQNFTNCHTKIRHV
DAHATLNDGVVVQVMGLLSNNNQALRRFMQTFVLAPEGSVANKFYVHNDIFRYQDEVFG
;
_entity_poly.pdbx_strand_id   A,B,C,D,E,F
#
loop_
_chem_comp.id
_chem_comp.type
_chem_comp.name
_chem_comp.formula
Y9M non-polymer N-[(2S)-2-fluoro-4,4-dimethylpentanoyl]-3-hydroxy-L-valyl-(betaS)-beta-methyl-L-phenylalanyl-D-alanyl-N-benzyl-N,O-dimethyl-L-homoserinamide 'C38 H56 F N5 O7'
#
# COMPACT_ATOMS: atom_id res chain seq x y z
N MET A 3 -31.22 22.84 1.53
CA MET A 3 -32.70 22.79 1.42
C MET A 3 -33.17 21.64 0.52
N GLU A 4 -32.41 21.32 -0.54
CA GLU A 4 -32.79 20.30 -1.50
C GLU A 4 -32.13 18.97 -1.15
N LYS A 5 -30.94 19.02 -0.54
CA LYS A 5 -30.23 17.81 -0.14
C LYS A 5 -29.89 17.88 1.35
N PRO A 6 -29.97 16.74 2.07
CA PRO A 6 -29.41 16.63 3.42
C PRO A 6 -28.00 17.18 3.57
N SER A 7 -27.66 17.65 4.78
CA SER A 7 -26.29 18.03 5.10
C SER A 7 -25.41 16.78 5.06
N PRO A 8 -24.16 16.91 4.54
CA PRO A 8 -23.28 15.75 4.36
C PRO A 8 -22.84 15.22 5.72
N LEU A 9 -22.06 16.02 6.45
CA LEU A 9 -21.60 15.72 7.80
C LEU A 9 -22.70 15.05 8.63
N LEU A 10 -23.94 15.50 8.46
CA LEU A 10 -25.04 14.97 9.23
C LEU A 10 -25.36 13.56 8.76
N VAL A 11 -25.33 13.35 7.44
CA VAL A 11 -25.56 12.02 6.89
C VAL A 11 -24.35 11.14 7.21
N GLY A 12 -23.20 11.79 7.36
CA GLY A 12 -21.96 11.14 7.74
C GLY A 12 -21.97 10.62 9.18
N ARG A 13 -22.27 11.52 10.15
CA ARG A 13 -22.06 11.27 11.56
C ARG A 13 -23.14 10.34 12.09
N GLU A 14 -24.28 10.36 11.41
CA GLU A 14 -25.41 9.53 11.75
C GLU A 14 -25.24 8.13 11.18
N PHE A 15 -24.58 8.07 10.02
CA PHE A 15 -24.26 6.77 9.43
C PHE A 15 -23.32 6.00 10.36
N VAL A 16 -22.18 6.61 10.70
CA VAL A 16 -21.24 5.98 11.62
C VAL A 16 -22.02 5.49 12.85
N ARG A 17 -22.81 6.38 13.45
CA ARG A 17 -23.64 5.98 14.58
C ARG A 17 -24.29 4.64 14.23
N GLN A 18 -25.12 4.58 13.16
CA GLN A 18 -25.87 3.37 12.85
C GLN A 18 -24.96 2.17 12.61
N TYR A 19 -23.81 2.39 11.98
CA TYR A 19 -22.93 1.31 11.52
C TYR A 19 -22.29 0.62 12.73
N TYR A 20 -21.42 1.35 13.45
CA TYR A 20 -20.62 0.75 14.50
C TYR A 20 -21.51 0.25 15.63
N THR A 21 -22.64 0.94 15.87
CA THR A 21 -23.64 0.44 16.78
C THR A 21 -24.08 -0.94 16.31
N LEU A 22 -24.61 -1.00 15.07
CA LEU A 22 -25.08 -2.25 14.49
C LEU A 22 -23.94 -3.27 14.38
N LEU A 23 -22.72 -2.88 14.76
CA LEU A 23 -21.58 -3.76 14.70
C LEU A 23 -21.40 -4.45 16.06
N ASN A 24 -21.60 -3.66 17.12
CA ASN A 24 -21.63 -4.16 18.48
C ASN A 24 -22.93 -4.95 18.68
N GLN A 25 -24.05 -4.35 18.27
CA GLN A 25 -25.30 -5.10 18.10
C GLN A 25 -25.13 -6.02 16.89
N ALA A 26 -26.11 -6.90 16.69
CA ALA A 26 -26.11 -7.88 15.60
C ALA A 26 -25.35 -7.39 14.36
N PRO A 27 -24.12 -7.89 14.10
CA PRO A 27 -23.48 -7.70 12.80
C PRO A 27 -23.99 -8.60 11.68
N ASP A 28 -24.89 -9.55 12.00
CA ASP A 28 -25.58 -10.31 10.96
C ASP A 28 -26.68 -9.48 10.29
N MET A 29 -26.60 -8.15 10.43
CA MET A 29 -27.57 -7.25 9.83
C MET A 29 -26.91 -6.26 8.88
N LEU A 30 -25.58 -6.12 8.94
CA LEU A 30 -24.91 -5.05 8.20
C LEU A 30 -25.21 -5.16 6.72
N HIS A 31 -25.30 -6.39 6.20
CA HIS A 31 -25.59 -6.60 4.79
C HIS A 31 -26.80 -5.77 4.37
N ARG A 32 -27.68 -5.45 5.32
CA ARG A 32 -28.75 -4.51 5.04
C ARG A 32 -28.16 -3.29 4.35
N PHE A 33 -27.06 -2.77 4.91
CA PHE A 33 -26.53 -1.47 4.52
C PHE A 33 -26.09 -1.41 3.06
N TYR A 34 -25.99 -2.58 2.39
CA TYR A 34 -25.30 -2.67 1.11
C TYR A 34 -26.24 -3.08 -0.02
N GLY A 35 -25.80 -2.85 -1.25
CA GLY A 35 -26.48 -3.32 -2.44
C GLY A 35 -25.56 -4.27 -3.22
N LYS A 36 -25.86 -4.47 -4.51
CA LYS A 36 -25.23 -5.50 -5.32
C LYS A 36 -24.18 -4.87 -6.23
N ASN A 37 -23.82 -3.60 -6.00
CA ASN A 37 -22.62 -3.00 -6.58
C ASN A 37 -21.64 -2.65 -5.47
N SER A 38 -21.96 -3.04 -4.23
CA SER A 38 -21.21 -2.59 -3.07
C SER A 38 -19.97 -3.46 -2.84
N SER A 39 -18.84 -2.83 -2.56
CA SER A 39 -17.61 -3.55 -2.27
C SER A 39 -17.24 -3.41 -0.79
N TYR A 40 -16.83 -4.52 -0.18
CA TYR A 40 -16.42 -4.56 1.22
C TYR A 40 -14.98 -5.03 1.29
N VAL A 41 -14.12 -4.26 1.98
CA VAL A 41 -12.70 -4.55 2.08
C VAL A 41 -12.25 -4.35 3.51
N HIS A 42 -12.15 -5.45 4.26
CA HIS A 42 -11.59 -5.41 5.60
C HIS A 42 -10.13 -5.90 5.53
N GLY A 43 -9.45 -5.88 6.67
CA GLY A 43 -8.01 -6.15 6.74
C GLY A 43 -7.45 -6.66 5.43
N ALA A 52 -6.79 -9.11 0.42
CA ALA A 52 -7.61 -7.88 0.61
C ALA A 52 -8.05 -7.34 -0.75
N ASP A 53 -8.81 -8.16 -1.49
CA ASP A 53 -9.58 -7.72 -2.66
C ASP A 53 -11.07 -7.75 -2.29
N ALA A 54 -11.84 -6.82 -2.89
CA ALA A 54 -13.19 -6.54 -2.43
C ALA A 54 -14.16 -7.65 -2.86
N VAL A 55 -14.97 -8.12 -1.90
CA VAL A 55 -16.09 -9.00 -2.18
C VAL A 55 -17.36 -8.15 -2.32
N TYR A 56 -18.17 -8.42 -3.35
CA TYR A 56 -19.28 -7.55 -3.69
C TYR A 56 -20.60 -8.19 -3.24
N GLY A 57 -21.63 -7.34 -3.03
CA GLY A 57 -23.00 -7.78 -2.85
C GLY A 57 -23.36 -8.04 -1.39
N GLN A 58 -24.68 -7.98 -1.08
CA GLN A 58 -25.18 -8.23 0.27
C GLN A 58 -24.72 -9.61 0.76
N LYS A 59 -24.63 -10.60 -0.15
CA LYS A 59 -24.51 -12.00 0.24
C LYS A 59 -23.07 -12.37 0.58
N GLU A 60 -22.11 -11.94 -0.25
CA GLU A 60 -20.70 -12.26 0.00
C GLU A 60 -20.18 -11.35 1.09
N ILE A 61 -20.64 -10.11 1.08
CA ILE A 61 -20.19 -9.14 2.07
C ILE A 61 -20.66 -9.63 3.44
N HIS A 62 -21.92 -10.08 3.52
CA HIS A 62 -22.49 -10.77 4.67
C HIS A 62 -21.60 -11.92 5.09
N ARG A 63 -21.26 -12.77 4.11
CA ARG A 63 -20.39 -13.90 4.32
C ARG A 63 -19.07 -13.39 4.89
N LYS A 64 -18.56 -12.30 4.28
CA LYS A 64 -17.31 -11.71 4.72
C LYS A 64 -17.48 -11.14 6.12
N VAL A 65 -18.61 -10.46 6.38
CA VAL A 65 -18.88 -9.92 7.70
C VAL A 65 -18.74 -11.06 8.71
N MET A 66 -19.37 -12.19 8.38
CA MET A 66 -19.54 -13.29 9.32
C MET A 66 -18.20 -13.97 9.58
N SER A 67 -17.41 -14.13 8.51
CA SER A 67 -16.02 -14.55 8.63
C SER A 67 -15.37 -13.93 9.86
N GLN A 68 -15.71 -12.66 10.13
CA GLN A 68 -14.94 -11.85 11.05
C GLN A 68 -15.37 -12.09 12.49
N ASN A 69 -16.43 -12.90 12.69
CA ASN A 69 -16.88 -13.27 14.03
C ASN A 69 -16.84 -12.04 14.91
N PHE A 70 -17.61 -11.02 14.52
CA PHE A 70 -17.70 -9.77 15.26
C PHE A 70 -18.54 -9.99 16.52
N THR A 71 -17.86 -10.13 17.65
CA THR A 71 -18.52 -10.48 18.90
C THR A 71 -18.14 -9.45 19.96
N ASN A 72 -19.14 -8.72 20.46
CA ASN A 72 -18.93 -7.65 21.43
C ASN A 72 -17.94 -6.64 20.87
N CYS A 73 -18.14 -6.27 19.61
CA CYS A 73 -17.29 -5.28 19.00
C CYS A 73 -17.41 -3.98 19.78
N HIS A 74 -16.27 -3.37 20.10
CA HIS A 74 -16.22 -2.10 20.79
C HIS A 74 -15.45 -1.11 19.90
N THR A 75 -16.03 0.07 19.70
CA THR A 75 -15.44 1.08 18.84
C THR A 75 -14.98 2.24 19.72
N LYS A 76 -14.48 3.31 19.10
CA LYS A 76 -14.22 4.56 19.81
C LYS A 76 -13.85 5.63 18.79
N ILE A 77 -14.88 6.25 18.16
CA ILE A 77 -14.66 7.26 17.14
C ILE A 77 -13.92 8.43 17.76
N ARG A 78 -12.90 8.93 17.06
CA ARG A 78 -12.06 10.03 17.51
C ARG A 78 -12.33 11.28 16.66
N HIS A 79 -12.70 11.07 15.39
CA HIS A 79 -13.06 12.17 14.51
C HIS A 79 -13.70 11.57 13.26
N VAL A 80 -14.46 12.38 12.54
CA VAL A 80 -15.11 11.93 11.33
C VAL A 80 -15.09 13.05 10.31
N ASP A 81 -14.76 12.72 9.07
CA ASP A 81 -14.99 13.64 7.98
C ASP A 81 -16.05 13.03 7.06
N ALA A 82 -17.10 13.82 6.81
CA ALA A 82 -18.07 13.47 5.79
C ALA A 82 -18.27 14.67 4.86
N HIS A 83 -18.03 14.47 3.57
CA HIS A 83 -18.14 15.53 2.59
C HIS A 83 -19.00 15.08 1.42
N ALA A 84 -19.49 16.05 0.65
CA ALA A 84 -20.28 15.77 -0.54
C ALA A 84 -19.34 15.38 -1.66
N THR A 85 -19.75 14.35 -2.40
CA THR A 85 -19.03 13.86 -3.56
C THR A 85 -20.04 13.83 -4.72
N LEU A 86 -19.59 13.41 -5.90
CA LEU A 86 -20.39 13.45 -7.13
C LEU A 86 -21.72 12.77 -6.90
N ASN A 87 -22.74 13.24 -7.63
CA ASN A 87 -24.03 12.56 -7.74
C ASN A 87 -24.63 12.43 -6.34
N ASP A 88 -24.43 13.49 -5.55
CA ASP A 88 -25.06 13.66 -4.24
C ASP A 88 -24.67 12.50 -3.33
N GLY A 89 -23.45 12.00 -3.54
CA GLY A 89 -22.87 11.00 -2.68
C GLY A 89 -22.17 11.67 -1.51
N VAL A 90 -22.04 10.90 -0.43
CA VAL A 90 -21.38 11.35 0.77
C VAL A 90 -20.18 10.45 0.97
N VAL A 91 -18.96 11.03 0.98
CA VAL A 91 -17.74 10.29 1.27
C VAL A 91 -17.41 10.51 2.74
N VAL A 92 -16.82 9.50 3.38
CA VAL A 92 -16.70 9.49 4.82
C VAL A 92 -15.40 8.79 5.18
N GLN A 93 -14.46 9.53 5.81
CA GLN A 93 -13.29 8.92 6.40
C GLN A 93 -13.42 8.93 7.91
N VAL A 94 -13.28 7.73 8.49
CA VAL A 94 -13.36 7.55 9.92
C VAL A 94 -11.97 7.20 10.46
N MET A 95 -11.65 7.79 11.60
CA MET A 95 -10.44 7.49 12.34
C MET A 95 -10.87 7.09 13.74
N GLY A 96 -10.47 5.91 14.21
CA GLY A 96 -10.69 5.60 15.61
C GLY A 96 -9.83 4.46 16.14
N LEU A 97 -10.31 3.84 17.22
CA LEU A 97 -9.71 2.66 17.79
C LEU A 97 -10.79 1.59 17.92
N LEU A 98 -10.47 0.33 17.58
CA LEU A 98 -11.45 -0.75 17.59
CA LEU A 98 -11.45 -0.75 17.59
C LEU A 98 -10.90 -1.95 18.34
N SER A 99 -11.52 -2.22 19.50
CA SER A 99 -11.27 -3.40 20.31
C SER A 99 -12.28 -4.48 19.91
N ASN A 100 -11.83 -5.74 19.83
CA ASN A 100 -12.74 -6.84 19.53
C ASN A 100 -12.07 -8.15 19.95
N GLN A 103 -10.88 -6.57 24.50
CA GLN A 103 -9.57 -6.67 23.82
C GLN A 103 -9.10 -5.26 23.42
N ALA A 104 -7.78 -5.08 23.29
CA ALA A 104 -7.21 -3.76 23.14
C ALA A 104 -7.74 -3.05 21.90
N LEU A 105 -8.09 -1.77 22.11
CA LEU A 105 -8.41 -0.84 21.06
C LEU A 105 -7.24 -0.80 20.07
N ARG A 106 -7.58 -0.91 18.78
CA ARG A 106 -6.60 -0.89 17.69
C ARG A 106 -6.94 0.29 16.77
N ARG A 107 -6.01 1.25 16.70
CA ARG A 107 -6.12 2.39 15.83
C ARG A 107 -6.50 1.93 14.43
N PHE A 108 -7.44 2.63 13.80
CA PHE A 108 -7.97 2.14 12.54
C PHE A 108 -8.35 3.31 11.67
N MET A 109 -8.80 2.96 10.47
CA MET A 109 -9.14 3.90 9.43
C MET A 109 -10.18 3.25 8.52
N GLN A 110 -11.34 3.89 8.40
CA GLN A 110 -12.36 3.33 7.53
C GLN A 110 -12.91 4.43 6.61
N THR A 111 -12.79 4.19 5.31
CA THR A 111 -13.35 5.07 4.29
C THR A 111 -14.66 4.47 3.79
N PHE A 112 -15.69 5.32 3.68
CA PHE A 112 -16.96 4.91 3.10
C PHE A 112 -17.32 5.85 1.96
N VAL A 113 -18.13 5.33 1.03
CA VAL A 113 -18.85 6.16 0.08
C VAL A 113 -20.32 5.74 0.14
N LEU A 114 -21.19 6.71 0.46
CA LEU A 114 -22.63 6.54 0.51
C LEU A 114 -23.26 7.18 -0.73
N ALA A 115 -24.09 6.42 -1.43
CA ALA A 115 -24.63 6.83 -2.71
C ALA A 115 -26.15 6.91 -2.61
N PRO A 116 -26.79 7.99 -3.11
CA PRO A 116 -28.25 8.06 -3.17
C PRO A 116 -28.90 6.78 -3.70
N GLU A 117 -29.90 6.27 -2.97
CA GLU A 117 -30.61 5.06 -3.37
C GLU A 117 -31.30 5.29 -4.72
N GLY A 118 -31.99 6.44 -4.85
CA GLY A 118 -32.52 6.90 -6.12
C GLY A 118 -34.02 7.21 -6.05
N SER A 119 -34.80 6.19 -5.63
CA SER A 119 -36.26 6.28 -5.53
C SER A 119 -36.68 7.43 -4.61
N VAL A 120 -35.91 7.64 -3.53
CA VAL A 120 -36.15 8.72 -2.58
C VAL A 120 -34.80 9.20 -2.04
N ALA A 121 -34.74 10.49 -1.69
CA ALA A 121 -33.57 11.10 -1.07
C ALA A 121 -33.63 10.92 0.44
N ASN A 122 -32.61 11.43 1.15
CA ASN A 122 -32.46 11.17 2.57
C ASN A 122 -32.34 9.66 2.80
N LYS A 123 -32.12 8.92 1.71
CA LYS A 123 -32.11 7.46 1.71
C LYS A 123 -30.95 7.00 0.83
N PHE A 124 -30.00 6.28 1.44
CA PHE A 124 -28.71 6.01 0.85
C PHE A 124 -28.35 4.54 1.04
N TYR A 125 -27.42 4.08 0.20
CA TYR A 125 -26.82 2.76 0.34
C TYR A 125 -25.30 2.92 0.36
N VAL A 126 -24.63 1.97 1.02
CA VAL A 126 -23.19 1.95 1.15
C VAL A 126 -22.58 1.31 -0.10
N HIS A 127 -22.11 2.13 -1.06
CA HIS A 127 -21.47 1.61 -2.26
C HIS A 127 -20.09 1.05 -1.93
N ASN A 128 -19.50 1.51 -0.81
CA ASN A 128 -18.09 1.29 -0.55
C ASN A 128 -17.81 1.31 0.95
N ASP A 129 -16.89 0.44 1.39
CA ASP A 129 -16.52 0.24 2.78
C ASP A 129 -15.14 -0.41 2.82
N ILE A 130 -14.12 0.42 3.10
CA ILE A 130 -12.72 0.03 3.08
C ILE A 130 -12.12 0.29 4.46
N PHE A 131 -11.56 -0.76 5.07
CA PHE A 131 -11.06 -0.73 6.44
C PHE A 131 -9.58 -1.13 6.41
N ARG A 132 -8.77 -0.47 7.27
CA ARG A 132 -7.40 -0.86 7.51
C ARG A 132 -6.96 -0.45 8.92
N TYR A 133 -6.65 -1.44 9.77
CA TYR A 133 -5.89 -1.18 10.99
C TYR A 133 -4.55 -0.56 10.57
N GLN A 134 -4.07 0.37 11.39
CA GLN A 134 -2.86 1.09 11.05
C GLN A 134 -1.68 0.18 11.36
N ASP A 135 -1.75 -0.50 12.50
CA ASP A 135 -0.66 -1.36 12.93
C ASP A 135 -0.54 -2.60 12.03
N GLU A 136 -1.18 -2.58 10.86
CA GLU A 136 -0.94 -3.60 9.85
C GLU A 136 -0.16 -2.99 8.69
N VAL A 137 -0.52 -1.75 8.31
CA VAL A 137 0.33 -0.88 7.54
C VAL A 137 1.39 -0.33 8.47
N PHE A 138 2.42 0.34 7.93
CA PHE A 138 3.52 0.88 8.71
C PHE A 138 4.36 -0.28 9.28
N PRO B 6 25.49 -8.81 -33.77
CA PRO B 6 25.12 -10.20 -34.06
C PRO B 6 23.64 -10.30 -34.42
N SER B 7 23.33 -10.88 -35.60
CA SER B 7 21.98 -10.90 -36.14
C SER B 7 21.01 -11.57 -35.16
N PRO B 8 20.12 -10.78 -34.52
CA PRO B 8 19.38 -11.24 -33.34
C PRO B 8 18.44 -12.43 -33.53
N LEU B 9 17.68 -12.41 -34.63
CA LEU B 9 16.81 -13.52 -34.96
C LEU B 9 17.52 -14.84 -34.66
N LEU B 10 18.80 -14.89 -35.01
CA LEU B 10 19.61 -16.06 -34.78
C LEU B 10 19.90 -16.14 -33.28
N VAL B 11 20.32 -15.01 -32.69
CA VAL B 11 20.63 -14.91 -31.28
C VAL B 11 19.41 -15.36 -30.50
N GLY B 12 18.24 -15.05 -31.05
CA GLY B 12 16.98 -15.54 -30.52
C GLY B 12 16.84 -17.06 -30.61
N ARG B 13 17.27 -17.66 -31.73
CA ARG B 13 16.97 -19.07 -31.98
C ARG B 13 17.94 -19.97 -31.23
N GLU B 14 19.15 -19.48 -30.91
CA GLU B 14 20.08 -20.21 -30.06
C GLU B 14 19.71 -20.10 -28.59
N PHE B 15 19.22 -18.94 -28.16
CA PHE B 15 18.90 -18.77 -26.76
C PHE B 15 17.85 -19.79 -26.35
N VAL B 16 16.74 -19.77 -27.12
CA VAL B 16 15.61 -20.68 -27.00
C VAL B 16 16.15 -22.10 -26.99
N ARG B 17 17.04 -22.40 -27.94
CA ARG B 17 17.67 -23.71 -28.01
C ARG B 17 18.34 -23.98 -26.66
N GLN B 18 19.39 -23.22 -26.33
CA GLN B 18 20.13 -23.43 -25.10
C GLN B 18 19.18 -23.45 -23.89
N TYR B 19 18.14 -22.59 -23.94
CA TYR B 19 17.24 -22.42 -22.80
C TYR B 19 16.52 -23.72 -22.45
N TYR B 20 15.79 -24.29 -23.43
CA TYR B 20 14.93 -25.44 -23.19
C TYR B 20 15.77 -26.70 -23.09
N THR B 21 17.05 -26.63 -23.47
CA THR B 21 17.95 -27.72 -23.17
C THR B 21 18.31 -27.67 -21.70
N LEU B 22 18.73 -26.49 -21.23
CA LEU B 22 19.18 -26.38 -19.85
C LEU B 22 17.99 -26.73 -18.96
N LEU B 23 16.80 -26.33 -19.40
CA LEU B 23 15.59 -26.65 -18.66
C LEU B 23 15.35 -28.15 -18.66
N ASN B 24 15.87 -28.83 -19.70
CA ASN B 24 15.76 -30.26 -19.78
C ASN B 24 16.87 -30.97 -19.01
N GLN B 25 18.07 -30.39 -19.04
CA GLN B 25 19.23 -31.02 -18.41
C GLN B 25 19.26 -30.58 -16.95
N ALA B 26 19.80 -29.39 -16.67
CA ALA B 26 19.97 -28.91 -15.30
C ALA B 26 19.05 -27.72 -15.05
N PRO B 27 17.76 -27.94 -14.71
CA PRO B 27 16.83 -26.84 -14.42
C PRO B 27 17.30 -25.95 -13.26
N ASP B 28 18.07 -26.55 -12.34
CA ASP B 28 18.50 -25.85 -11.13
C ASP B 28 19.57 -24.80 -11.46
N MET B 29 20.12 -24.84 -12.68
CA MET B 29 21.12 -23.88 -13.12
C MET B 29 20.44 -22.74 -13.87
N LEU B 30 19.17 -22.90 -14.24
CA LEU B 30 18.49 -21.98 -15.13
C LEU B 30 18.53 -20.57 -14.56
N HIS B 31 18.45 -20.47 -13.23
CA HIS B 31 18.44 -19.19 -12.55
C HIS B 31 19.60 -18.32 -13.02
N ARG B 32 20.70 -18.96 -13.42
CA ARG B 32 21.96 -18.27 -13.63
C ARG B 32 21.92 -17.45 -14.93
N PHE B 33 20.90 -17.68 -15.79
CA PHE B 33 20.66 -16.86 -16.97
C PHE B 33 20.21 -15.43 -16.66
N TYR B 34 19.67 -15.18 -15.44
CA TYR B 34 18.90 -13.98 -15.14
C TYR B 34 19.74 -12.97 -14.35
N GLY B 35 19.08 -11.92 -13.84
CA GLY B 35 19.73 -10.90 -13.01
C GLY B 35 18.77 -10.24 -12.02
N LYS B 36 19.29 -9.27 -11.26
CA LYS B 36 18.52 -8.59 -10.23
C LYS B 36 17.27 -7.97 -10.86
N ASN B 37 17.41 -7.38 -12.05
CA ASN B 37 16.33 -6.62 -12.66
C ASN B 37 15.43 -7.53 -13.50
N SER B 38 15.55 -8.85 -13.35
CA SER B 38 14.95 -9.76 -14.31
C SER B 38 13.60 -10.29 -13.82
N SER B 39 12.56 -10.14 -14.65
CA SER B 39 11.27 -10.72 -14.33
C SER B 39 11.22 -12.16 -14.80
N TYR B 40 10.40 -12.98 -14.14
CA TYR B 40 10.16 -14.37 -14.51
C TYR B 40 8.79 -14.79 -14.00
N VAL B 41 7.97 -15.27 -14.93
CA VAL B 41 6.71 -15.92 -14.61
C VAL B 41 6.56 -17.07 -15.57
N HIS B 42 6.23 -18.24 -15.05
CA HIS B 42 6.05 -19.39 -15.92
C HIS B 42 4.59 -19.42 -16.35
N GLY B 43 3.73 -19.61 -15.35
CA GLY B 43 2.29 -19.68 -15.58
C GLY B 43 1.62 -20.05 -14.28
N GLY B 44 0.59 -20.89 -14.39
CA GLY B 44 -0.15 -21.33 -13.23
C GLY B 44 -1.18 -20.30 -12.77
N LEU B 45 -2.10 -20.76 -11.91
CA LEU B 45 -3.27 -19.98 -11.53
C LEU B 45 -3.21 -19.69 -10.03
N ASP B 46 -3.45 -18.41 -9.68
CA ASP B 46 -3.85 -18.02 -8.34
C ASP B 46 -5.27 -18.54 -8.07
N SER B 47 -5.79 -18.24 -6.86
CA SER B 47 -7.04 -18.80 -6.37
C SER B 47 -8.26 -18.25 -7.08
N ASN B 48 -8.17 -16.99 -7.55
CA ASN B 48 -9.22 -16.41 -8.36
C ASN B 48 -9.11 -16.96 -9.78
N GLY B 49 -8.02 -17.68 -10.04
CA GLY B 49 -7.85 -18.39 -11.30
C GLY B 49 -7.25 -17.50 -12.40
N LYS B 50 -6.75 -16.33 -12.03
CA LYS B 50 -6.03 -15.50 -12.97
C LYS B 50 -4.59 -15.98 -13.02
N PRO B 51 -3.84 -15.67 -14.10
CA PRO B 51 -2.40 -15.99 -14.18
C PRO B 51 -1.58 -15.67 -12.94
N ALA B 52 -0.75 -16.62 -12.52
CA ALA B 52 0.13 -16.37 -11.39
C ALA B 52 0.99 -15.15 -11.69
N ASP B 53 1.47 -14.49 -10.63
CA ASP B 53 2.21 -13.25 -10.76
C ASP B 53 3.70 -13.58 -10.88
N ALA B 54 4.48 -12.57 -11.28
CA ALA B 54 5.89 -12.73 -11.61
C ALA B 54 6.74 -12.53 -10.35
N VAL B 55 8.01 -12.97 -10.42
CA VAL B 55 8.97 -12.85 -9.33
C VAL B 55 10.26 -12.25 -9.91
N TYR B 56 11.15 -11.76 -9.05
CA TYR B 56 12.24 -10.90 -9.51
C TYR B 56 13.58 -11.34 -8.93
N GLY B 57 14.62 -11.16 -9.75
CA GLY B 57 15.98 -11.41 -9.34
C GLY B 57 16.27 -12.91 -9.42
N GLN B 58 17.53 -13.28 -9.15
CA GLN B 58 17.92 -14.66 -9.24
C GLN B 58 17.24 -15.44 -8.12
N LYS B 59 17.44 -15.02 -6.87
CA LYS B 59 16.94 -15.76 -5.73
C LYS B 59 15.52 -16.26 -6.00
N GLU B 60 14.61 -15.30 -6.23
CA GLU B 60 13.17 -15.58 -6.25
C GLU B 60 12.80 -16.40 -7.48
N ILE B 61 13.56 -16.19 -8.56
CA ILE B 61 13.42 -16.99 -9.77
C ILE B 61 13.95 -18.41 -9.52
N HIS B 62 15.09 -18.55 -8.82
CA HIS B 62 15.64 -19.86 -8.49
C HIS B 62 14.71 -20.57 -7.52
N ARG B 63 14.20 -19.80 -6.56
CA ARG B 63 13.26 -20.30 -5.58
C ARG B 63 11.97 -20.70 -6.29
N LYS B 64 11.57 -19.90 -7.28
CA LYS B 64 10.39 -20.18 -8.08
C LYS B 64 10.62 -21.37 -9.03
N VAL B 65 11.86 -21.55 -9.50
CA VAL B 65 12.13 -22.58 -10.51
C VAL B 65 12.16 -23.97 -9.85
N MET B 66 12.82 -24.08 -8.70
CA MET B 66 12.91 -25.36 -8.02
C MET B 66 11.50 -25.82 -7.66
N SER B 67 10.67 -24.84 -7.24
CA SER B 67 9.34 -25.11 -6.71
C SER B 67 8.41 -25.66 -7.78
N GLN B 68 8.79 -25.50 -9.05
CA GLN B 68 8.20 -26.24 -10.15
C GLN B 68 9.15 -27.38 -10.52
N ASN B 69 8.76 -28.63 -10.23
CA ASN B 69 9.68 -29.74 -10.29
C ASN B 69 9.82 -30.15 -11.75
N PHE B 70 10.67 -29.42 -12.48
CA PHE B 70 10.93 -29.70 -13.88
C PHE B 70 11.70 -31.02 -14.02
N THR B 71 10.99 -32.08 -14.41
CA THR B 71 11.59 -33.41 -14.53
C THR B 71 11.27 -33.97 -15.92
N ASN B 72 12.31 -34.16 -16.73
CA ASN B 72 12.18 -34.69 -18.08
C ASN B 72 11.33 -33.76 -18.94
N CYS B 73 11.56 -32.45 -18.80
CA CYS B 73 10.78 -31.44 -19.51
C CYS B 73 11.05 -31.57 -21.00
N HIS B 74 10.01 -31.91 -21.77
CA HIS B 74 10.16 -32.10 -23.20
C HIS B 74 9.55 -30.92 -23.94
N THR B 75 10.08 -30.65 -25.13
CA THR B 75 9.84 -29.39 -25.81
C THR B 75 9.48 -29.66 -27.26
N LYS B 76 8.60 -28.82 -27.81
CA LYS B 76 8.47 -28.60 -29.25
C LYS B 76 8.36 -27.10 -29.51
N ILE B 77 9.38 -26.51 -30.15
CA ILE B 77 9.38 -25.08 -30.41
C ILE B 77 8.79 -24.84 -31.79
N ARG B 78 7.49 -24.61 -31.87
CA ARG B 78 6.80 -24.54 -33.16
C ARG B 78 7.15 -23.24 -33.89
N HIS B 79 7.65 -22.25 -33.16
CA HIS B 79 7.91 -20.96 -33.76
C HIS B 79 8.69 -20.09 -32.80
N VAL B 80 9.58 -19.28 -33.36
CA VAL B 80 10.33 -18.30 -32.61
C VAL B 80 10.46 -17.07 -33.50
N ASP B 81 10.71 -15.93 -32.88
CA ASP B 81 10.95 -14.73 -33.66
C ASP B 81 11.66 -13.76 -32.74
N ALA B 82 12.63 -13.03 -33.28
CA ALA B 82 13.43 -12.18 -32.43
C ALA B 82 13.90 -10.95 -33.22
N HIS B 83 13.71 -9.78 -32.60
CA HIS B 83 14.10 -8.54 -33.24
C HIS B 83 15.00 -7.73 -32.31
N ALA B 84 15.76 -6.81 -32.92
CA ALA B 84 16.46 -5.78 -32.18
C ALA B 84 15.43 -4.94 -31.44
N THR B 85 15.80 -4.48 -30.23
CA THR B 85 14.93 -3.64 -29.41
C THR B 85 15.79 -2.54 -28.80
N LEU B 86 15.22 -1.83 -27.81
CA LEU B 86 15.93 -0.85 -27.02
C LEU B 86 17.36 -1.30 -26.70
N ASN B 87 18.31 -0.40 -26.93
CA ASN B 87 19.64 -0.49 -26.33
C ASN B 87 20.29 -1.85 -26.64
N ASP B 88 20.20 -2.25 -27.92
CA ASP B 88 20.88 -3.45 -28.40
C ASP B 88 20.33 -4.67 -27.68
N GLY B 89 19.09 -4.57 -27.21
CA GLY B 89 18.40 -5.72 -26.64
C GLY B 89 17.77 -6.57 -27.74
N VAL B 90 17.39 -7.78 -27.38
CA VAL B 90 16.70 -8.66 -28.30
C VAL B 90 15.42 -9.14 -27.61
N VAL B 91 14.28 -8.72 -28.16
CA VAL B 91 13.01 -9.27 -27.72
C VAL B 91 12.81 -10.55 -28.53
N VAL B 92 12.13 -11.53 -27.93
CA VAL B 92 11.94 -12.83 -28.55
C VAL B 92 10.53 -13.33 -28.25
N GLN B 93 9.76 -13.57 -29.32
CA GLN B 93 8.46 -14.21 -29.28
C GLN B 93 8.62 -15.71 -29.54
N VAL B 94 7.91 -16.55 -28.78
CA VAL B 94 8.04 -18.00 -28.86
C VAL B 94 6.68 -18.67 -28.65
N MET B 95 6.30 -19.59 -29.54
CA MET B 95 5.13 -20.43 -29.34
C MET B 95 5.54 -21.89 -29.51
N GLY B 96 5.00 -22.78 -28.67
CA GLY B 96 5.35 -24.19 -28.73
C GLY B 96 4.51 -25.05 -27.79
N LEU B 97 5.06 -26.20 -27.40
CA LEU B 97 4.43 -27.09 -26.43
C LEU B 97 5.46 -27.51 -25.38
N LEU B 98 5.02 -27.68 -24.13
CA LEU B 98 5.88 -28.19 -23.08
CA LEU B 98 5.88 -28.19 -23.08
C LEU B 98 5.09 -29.10 -22.16
N SER B 99 5.65 -30.29 -21.89
CA SER B 99 5.11 -31.24 -20.94
C SER B 99 6.07 -31.34 -19.76
N ASN B 100 5.55 -31.71 -18.59
CA ASN B 100 6.40 -31.94 -17.44
C ASN B 100 6.06 -33.30 -16.82
N ASN B 101 7.10 -34.09 -16.52
CA ASN B 101 6.96 -35.43 -15.98
C ASN B 101 6.38 -36.35 -17.06
N ASN B 102 7.02 -36.34 -18.23
CA ASN B 102 6.50 -37.03 -19.40
C ASN B 102 4.98 -37.05 -19.32
N GLN B 103 4.37 -35.88 -19.11
CA GLN B 103 2.92 -35.74 -19.21
C GLN B 103 2.60 -35.14 -20.57
N ALA B 104 1.42 -34.54 -20.70
CA ALA B 104 1.00 -33.98 -21.98
C ALA B 104 1.70 -32.65 -22.22
N LEU B 105 2.05 -32.44 -23.50
CA LEU B 105 2.45 -31.14 -24.00
C LEU B 105 1.27 -30.19 -23.88
N ARG B 106 1.60 -28.91 -23.66
CA ARG B 106 0.64 -27.84 -23.42
C ARG B 106 1.09 -26.62 -24.21
N ARG B 107 0.29 -26.26 -25.22
CA ARG B 107 0.59 -25.12 -26.06
C ARG B 107 0.94 -23.94 -25.16
N PHE B 108 1.99 -23.19 -25.50
CA PHE B 108 2.41 -22.06 -24.71
C PHE B 108 2.77 -20.88 -25.61
N MET B 109 2.61 -19.68 -25.07
CA MET B 109 3.12 -18.48 -25.67
C MET B 109 4.09 -17.80 -24.70
N GLN B 110 5.27 -17.45 -25.24
CA GLN B 110 6.38 -17.03 -24.41
C GLN B 110 7.08 -15.85 -25.06
N THR B 111 7.40 -14.83 -24.24
CA THR B 111 8.10 -13.62 -24.65
C THR B 111 9.33 -13.44 -23.75
N PHE B 112 10.51 -13.38 -24.37
CA PHE B 112 11.73 -13.06 -23.66
C PHE B 112 12.16 -11.64 -24.01
N VAL B 113 12.96 -11.03 -23.13
CA VAL B 113 13.81 -9.92 -23.51
C VAL B 113 15.21 -10.22 -23.01
N LEU B 114 16.14 -10.36 -23.97
CA LEU B 114 17.55 -10.58 -23.72
C LEU B 114 18.27 -9.23 -23.82
N ALA B 115 19.18 -8.97 -22.89
CA ALA B 115 19.75 -7.65 -22.73
C ALA B 115 21.26 -7.78 -22.58
N PRO B 116 22.05 -6.93 -23.27
CA PRO B 116 23.51 -6.92 -23.14
C PRO B 116 23.94 -7.00 -21.68
N GLU B 117 24.92 -7.84 -21.37
CA GLU B 117 25.38 -8.01 -20.00
C GLU B 117 26.21 -6.80 -19.57
N GLY B 118 27.07 -6.28 -20.46
CA GLY B 118 27.75 -5.02 -20.24
C GLY B 118 29.26 -5.11 -20.46
N SER B 119 29.91 -6.06 -19.76
CA SER B 119 31.32 -6.36 -19.96
C SER B 119 31.53 -6.98 -21.34
N VAL B 120 31.15 -8.26 -21.48
CA VAL B 120 31.45 -9.05 -22.65
C VAL B 120 30.31 -8.91 -23.67
N ALA B 121 30.63 -8.51 -24.91
CA ALA B 121 29.65 -8.48 -25.98
C ALA B 121 29.54 -9.88 -26.59
N ASN B 122 28.54 -10.07 -27.46
CA ASN B 122 28.02 -11.39 -27.76
C ASN B 122 27.88 -12.14 -26.43
N LYS B 123 27.28 -11.45 -25.47
CA LYS B 123 26.95 -12.04 -24.18
C LYS B 123 25.76 -11.26 -23.60
N PHE B 124 24.76 -12.01 -23.16
CA PHE B 124 23.48 -11.46 -22.80
C PHE B 124 22.95 -12.14 -21.56
N TYR B 125 22.03 -11.47 -20.87
CA TYR B 125 21.28 -12.09 -19.79
C TYR B 125 19.80 -11.90 -20.07
N VAL B 126 18.98 -12.69 -19.38
CA VAL B 126 17.54 -12.66 -19.51
C VAL B 126 16.99 -11.64 -18.52
N HIS B 127 16.64 -10.46 -19.02
CA HIS B 127 15.97 -9.47 -18.20
C HIS B 127 14.50 -9.86 -18.04
N ASN B 128 13.93 -10.59 -19.01
CA ASN B 128 12.51 -10.87 -18.96
C ASN B 128 12.17 -12.21 -19.58
N ASP B 129 11.20 -12.92 -18.95
CA ASP B 129 10.80 -14.27 -19.30
C ASP B 129 9.33 -14.47 -18.98
N ILE B 130 8.48 -14.45 -20.01
CA ILE B 130 7.05 -14.39 -19.81
C ILE B 130 6.37 -15.56 -20.53
N PHE B 131 6.34 -16.72 -19.88
CA PHE B 131 5.68 -17.91 -20.43
C PHE B 131 4.23 -17.94 -19.97
N ARG B 132 3.37 -18.56 -20.78
CA ARG B 132 1.98 -18.69 -20.40
C ARG B 132 1.34 -19.80 -21.25
N TYR B 133 0.84 -20.84 -20.59
CA TYR B 133 0.04 -21.86 -21.28
C TYR B 133 -1.24 -21.20 -21.79
N GLN B 134 -1.59 -21.52 -23.05
CA GLN B 134 -2.85 -21.10 -23.62
C GLN B 134 -4.00 -21.59 -22.74
N ASP B 135 -3.84 -22.78 -22.14
CA ASP B 135 -4.94 -23.47 -21.50
C ASP B 135 -5.33 -22.78 -20.18
N GLU B 136 -4.38 -22.13 -19.50
CA GLU B 136 -4.69 -21.48 -18.23
C GLU B 136 -5.41 -20.16 -18.48
N VAL B 137 -5.29 -19.65 -19.70
CA VAL B 137 -6.08 -18.53 -20.18
C VAL B 137 -7.04 -19.13 -21.21
N PHE B 138 -7.57 -18.32 -22.12
CA PHE B 138 -8.48 -18.83 -23.14
C PHE B 138 -9.45 -19.83 -22.50
N GLU C 4 -13.34 -1.68 -21.04
CA GLU C 4 -13.10 -0.33 -21.61
C GLU C 4 -12.78 0.64 -20.47
N LYS C 5 -12.05 0.13 -19.48
CA LYS C 5 -12.12 0.66 -18.13
C LYS C 5 -10.77 0.51 -17.43
N PRO C 6 -10.04 1.62 -17.16
CA PRO C 6 -8.78 1.53 -16.42
C PRO C 6 -8.97 0.80 -15.10
N SER C 7 -7.89 0.19 -14.60
CA SER C 7 -7.90 -0.48 -13.30
C SER C 7 -7.97 0.56 -12.19
N PRO C 8 -9.09 0.61 -11.41
CA PRO C 8 -9.27 1.59 -10.35
C PRO C 8 -8.03 1.59 -9.45
N LEU C 9 -7.65 0.38 -9.04
CA LEU C 9 -6.53 0.18 -8.14
C LEU C 9 -5.30 0.85 -8.71
N LEU C 10 -4.95 0.49 -9.95
CA LEU C 10 -3.82 1.08 -10.63
C LEU C 10 -3.99 2.61 -10.71
N VAL C 11 -5.16 3.03 -11.21
CA VAL C 11 -5.44 4.44 -11.37
C VAL C 11 -5.17 5.22 -10.07
N GLY C 12 -5.35 4.57 -8.92
CA GLY C 12 -5.16 5.23 -7.64
C GLY C 12 -3.69 5.44 -7.31
N ARG C 13 -2.90 4.38 -7.47
CA ARG C 13 -1.46 4.46 -7.21
C ARG C 13 -0.83 5.47 -8.16
N GLU C 14 -1.32 5.53 -9.41
CA GLU C 14 -0.76 6.47 -10.37
C GLU C 14 -1.04 7.89 -9.89
N PHE C 15 -2.29 8.14 -9.46
CA PHE C 15 -2.68 9.42 -8.95
C PHE C 15 -1.82 9.80 -7.74
N VAL C 16 -1.70 8.86 -6.79
CA VAL C 16 -0.97 9.14 -5.56
C VAL C 16 0.47 9.43 -5.90
N ARG C 17 1.00 8.75 -6.92
CA ARG C 17 2.36 8.99 -7.38
C ARG C 17 2.45 10.42 -7.92
N GLN C 18 1.57 10.78 -8.86
CA GLN C 18 1.52 12.13 -9.40
C GLN C 18 1.39 13.17 -8.26
N TYR C 19 0.50 12.89 -7.30
CA TYR C 19 0.17 13.83 -6.24
C TYR C 19 1.37 14.30 -5.41
N TYR C 20 2.26 13.37 -5.01
CA TYR C 20 3.28 13.67 -4.02
C TYR C 20 4.55 14.11 -4.73
N THR C 21 4.68 13.69 -5.98
CA THR C 21 5.72 14.27 -6.83
C THR C 21 5.41 15.77 -6.95
N LEU C 22 4.20 16.09 -7.38
CA LEU C 22 3.82 17.46 -7.63
C LEU C 22 3.76 18.26 -6.33
N LEU C 23 3.34 17.62 -5.23
CA LEU C 23 3.29 18.29 -3.93
C LEU C 23 4.70 18.65 -3.48
N ASN C 24 5.69 17.96 -4.04
CA ASN C 24 7.09 18.19 -3.72
C ASN C 24 7.77 19.09 -4.76
N GLN C 25 7.31 19.02 -6.01
CA GLN C 25 7.96 19.75 -7.09
C GLN C 25 7.44 21.17 -7.10
N ALA C 26 6.19 21.34 -7.55
CA ALA C 26 5.53 22.63 -7.61
C ALA C 26 4.15 22.50 -6.99
N PRO C 27 3.99 22.83 -5.69
CA PRO C 27 2.70 22.66 -5.02
C PRO C 27 1.70 23.78 -5.31
N ASP C 28 1.92 24.53 -6.38
CA ASP C 28 1.13 25.75 -6.59
C ASP C 28 0.40 25.70 -7.93
N MET C 29 0.57 24.61 -8.68
CA MET C 29 -0.41 24.26 -9.68
C MET C 29 -1.21 23.07 -9.16
N LEU C 30 -1.04 22.76 -7.87
CA LEU C 30 -1.63 21.58 -7.23
C LEU C 30 -3.15 21.66 -7.31
N HIS C 31 -3.67 22.89 -7.18
CA HIS C 31 -5.09 23.20 -7.24
C HIS C 31 -5.68 22.90 -8.62
N ARG C 32 -4.81 22.77 -9.62
CA ARG C 32 -5.22 22.52 -10.99
C ARG C 32 -5.62 21.06 -11.15
N PHE C 33 -5.60 20.31 -10.04
CA PHE C 33 -6.11 18.95 -9.98
C PHE C 33 -7.60 18.92 -9.63
N TYR C 34 -8.10 20.01 -9.04
CA TYR C 34 -9.45 20.05 -8.50
C TYR C 34 -10.34 20.95 -9.36
N GLY C 35 -11.63 20.59 -9.41
CA GLY C 35 -12.66 21.45 -10.02
C GLY C 35 -13.30 22.36 -8.98
N LYS C 36 -14.46 22.92 -9.32
CA LYS C 36 -15.13 23.94 -8.49
C LYS C 36 -15.68 23.31 -7.22
N ASN C 37 -16.12 22.06 -7.30
CA ASN C 37 -16.96 21.46 -6.27
C ASN C 37 -16.14 20.41 -5.51
N SER C 38 -14.86 20.73 -5.29
CA SER C 38 -13.97 19.79 -4.62
C SER C 38 -14.01 20.06 -3.13
N SER C 39 -13.30 19.24 -2.36
CA SER C 39 -13.14 19.44 -0.93
CA SER C 39 -13.14 19.44 -0.93
C SER C 39 -11.71 19.12 -0.54
N TYR C 40 -11.14 19.94 0.35
CA TYR C 40 -9.74 19.81 0.71
C TYR C 40 -9.58 19.97 2.22
N VAL C 41 -8.80 19.08 2.85
CA VAL C 41 -8.39 19.20 4.24
C VAL C 41 -6.96 18.71 4.35
N HIS C 42 -6.37 18.84 5.55
CA HIS C 42 -4.99 18.46 5.77
C HIS C 42 -4.73 18.25 7.28
N PRO C 51 -10.18 18.21 13.34
CA PRO C 51 -10.99 19.36 13.75
C PRO C 51 -11.03 20.55 12.79
N ALA C 52 -9.97 20.75 11.99
CA ALA C 52 -9.95 21.88 11.07
C ALA C 52 -10.91 21.61 9.91
N ASP C 53 -11.77 22.59 9.60
CA ASP C 53 -12.80 22.42 8.58
C ASP C 53 -12.14 22.32 7.21
N ALA C 54 -12.81 21.60 6.30
CA ALA C 54 -12.43 21.56 4.90
C ALA C 54 -12.74 22.89 4.24
N VAL C 55 -12.07 23.16 3.10
CA VAL C 55 -12.31 24.31 2.24
C VAL C 55 -12.65 23.80 0.84
N TYR C 56 -13.19 24.68 -0.02
CA TYR C 56 -13.97 24.21 -1.17
C TYR C 56 -13.65 24.96 -2.47
N GLY C 57 -13.50 24.19 -3.56
CA GLY C 57 -13.31 24.72 -4.90
C GLY C 57 -11.89 25.25 -5.13
N GLN C 58 -11.58 25.59 -6.40
CA GLN C 58 -10.22 25.87 -6.82
C GLN C 58 -9.63 27.05 -6.03
N LYS C 59 -10.14 28.27 -6.28
CA LYS C 59 -9.53 29.47 -5.74
C LYS C 59 -9.19 29.28 -4.26
N GLU C 60 -10.11 28.65 -3.51
CA GLU C 60 -9.94 28.49 -2.07
C GLU C 60 -9.00 27.33 -1.75
N ILE C 61 -9.09 26.22 -2.50
CA ILE C 61 -8.20 25.09 -2.28
C ILE C 61 -6.77 25.53 -2.60
N HIS C 62 -6.63 26.29 -3.69
CA HIS C 62 -5.36 26.88 -4.06
C HIS C 62 -4.83 27.77 -2.93
N ARG C 63 -5.72 28.61 -2.39
CA ARG C 63 -5.33 29.56 -1.37
C ARG C 63 -4.86 28.81 -0.12
N LYS C 64 -5.54 27.68 0.17
CA LYS C 64 -5.24 26.88 1.35
C LYS C 64 -3.85 26.24 1.22
N VAL C 65 -3.59 25.67 0.04
CA VAL C 65 -2.32 25.03 -0.28
C VAL C 65 -1.18 26.02 -0.10
N MET C 66 -1.38 27.28 -0.48
CA MET C 66 -0.33 28.26 -0.32
C MET C 66 -0.06 28.46 1.16
N SER C 67 -1.13 28.74 1.94
CA SER C 67 -1.06 28.98 3.37
C SER C 67 -0.15 27.98 4.08
N GLN C 68 -0.18 26.73 3.63
CA GLN C 68 0.74 25.71 4.09
C GLN C 68 1.98 25.77 3.21
N ASN C 69 3.06 26.37 3.71
CA ASN C 69 4.28 26.48 2.91
C ASN C 69 4.86 25.08 2.73
N PHE C 70 4.38 24.39 1.68
CA PHE C 70 4.87 23.07 1.31
C PHE C 70 6.22 23.19 0.61
N THR C 71 7.27 22.63 1.23
CA THR C 71 8.63 22.89 0.82
C THR C 71 9.47 21.63 1.04
N ASN C 72 10.17 21.19 -0.02
CA ASN C 72 11.03 20.02 0.04
C ASN C 72 10.24 18.88 0.67
N CYS C 73 9.04 18.64 0.14
CA CYS C 73 8.06 17.82 0.82
C CYS C 73 8.33 16.34 0.54
N HIS C 74 8.65 15.56 1.58
CA HIS C 74 8.92 14.14 1.42
C HIS C 74 7.69 13.33 1.82
N THR C 75 7.58 12.09 1.35
CA THR C 75 6.47 11.22 1.71
C THR C 75 7.00 9.82 2.02
N LYS C 76 6.09 8.93 2.47
CA LYS C 76 6.33 7.50 2.49
C LYS C 76 4.97 6.78 2.42
N ILE C 77 4.58 6.37 1.21
CA ILE C 77 3.26 5.80 1.04
C ILE C 77 3.33 4.33 1.45
N ARG C 78 2.78 4.02 2.63
CA ARG C 78 2.89 2.70 3.23
C ARG C 78 1.68 1.86 2.83
N HIS C 79 0.62 2.48 2.30
CA HIS C 79 -0.56 1.71 1.91
C HIS C 79 -1.49 2.55 1.05
N VAL C 80 -2.22 1.89 0.12
CA VAL C 80 -3.06 2.55 -0.87
C VAL C 80 -4.12 1.57 -1.40
N ASP C 81 -5.38 1.69 -0.96
CA ASP C 81 -6.47 0.96 -1.60
C ASP C 81 -7.22 1.89 -2.56
N ALA C 82 -7.82 1.33 -3.61
CA ALA C 82 -8.73 2.11 -4.43
C ALA C 82 -9.76 1.21 -5.13
N HIS C 83 -10.98 1.75 -5.27
CA HIS C 83 -12.08 0.98 -5.82
C HIS C 83 -12.90 1.86 -6.74
N ALA C 84 -13.77 1.23 -7.55
CA ALA C 84 -14.78 1.96 -8.29
C ALA C 84 -15.91 2.31 -7.33
N THR C 85 -16.55 3.46 -7.59
CA THR C 85 -17.61 4.03 -6.78
C THR C 85 -18.69 4.54 -7.73
N LEU C 86 -19.70 5.25 -7.24
CA LEU C 86 -20.80 5.57 -8.13
C LEU C 86 -20.29 6.35 -9.33
N ASN C 87 -20.80 5.99 -10.52
CA ASN C 87 -20.63 6.74 -11.75
C ASN C 87 -19.15 6.93 -12.08
N ASP C 88 -18.47 5.80 -12.35
CA ASP C 88 -17.13 5.79 -12.93
C ASP C 88 -16.16 6.55 -12.02
N GLY C 89 -16.55 6.81 -10.77
CA GLY C 89 -15.66 7.44 -9.81
C GLY C 89 -14.64 6.43 -9.29
N VAL C 90 -13.65 6.92 -8.55
CA VAL C 90 -12.68 6.04 -7.92
C VAL C 90 -12.29 6.61 -6.57
N VAL C 91 -12.44 5.81 -5.52
CA VAL C 91 -12.12 6.27 -4.17
C VAL C 91 -10.85 5.56 -3.75
N VAL C 92 -10.03 6.29 -2.98
CA VAL C 92 -8.69 5.86 -2.66
C VAL C 92 -8.41 6.13 -1.19
N GLN C 93 -8.17 5.06 -0.43
CA GLN C 93 -7.62 5.12 0.92
C GLN C 93 -6.10 5.13 0.82
N VAL C 94 -5.39 5.94 1.63
CA VAL C 94 -3.94 6.03 1.59
C VAL C 94 -3.36 6.40 2.95
N MET C 95 -2.54 5.49 3.51
CA MET C 95 -1.91 5.66 4.81
C MET C 95 -0.40 5.76 4.62
N GLY C 96 0.26 6.69 5.34
CA GLY C 96 1.70 6.90 5.16
C GLY C 96 2.29 7.97 6.09
N LEU C 97 3.53 8.40 5.78
CA LEU C 97 4.21 9.44 6.54
C LEU C 97 4.56 10.61 5.62
N LEU C 98 4.36 11.84 6.12
CA LEU C 98 4.57 13.06 5.35
CA LEU C 98 4.57 13.06 5.35
C LEU C 98 5.40 14.04 6.20
N SER C 99 6.39 14.66 5.56
CA SER C 99 7.28 15.65 6.17
C SER C 99 7.05 17.01 5.51
N ASN C 100 7.57 18.08 6.12
CA ASN C 100 7.66 19.36 5.45
C ASN C 100 8.84 20.12 6.05
N ASN C 101 9.30 21.17 5.35
CA ASN C 101 10.59 21.79 5.61
C ASN C 101 11.54 20.75 6.18
N ASN C 102 11.59 19.59 5.52
CA ASN C 102 12.42 18.46 5.91
C ASN C 102 12.39 18.23 7.43
N GLN C 103 11.24 18.43 8.08
CA GLN C 103 11.13 18.22 9.52
C GLN C 103 10.49 16.84 9.75
N ALA C 104 10.03 16.61 10.99
CA ALA C 104 9.54 15.30 11.41
C ALA C 104 8.54 14.73 10.40
N LEU C 105 8.72 13.45 10.07
CA LEU C 105 7.71 12.67 9.37
C LEU C 105 6.60 12.34 10.37
N ARG C 106 5.36 12.72 10.01
CA ARG C 106 4.20 12.45 10.85
C ARG C 106 3.25 11.55 10.07
N ARG C 107 2.76 10.50 10.73
CA ARG C 107 1.77 9.58 10.17
C ARG C 107 0.55 10.37 9.69
N PHE C 108 -0.18 9.79 8.73
CA PHE C 108 -1.39 10.39 8.21
C PHE C 108 -2.34 9.31 7.71
N MET C 109 -3.58 9.72 7.43
CA MET C 109 -4.63 8.85 6.94
C MET C 109 -5.49 9.70 5.99
N GLN C 110 -5.63 9.23 4.74
CA GLN C 110 -6.07 10.09 3.65
C GLN C 110 -7.17 9.41 2.88
N THR C 111 -8.21 10.14 2.54
CA THR C 111 -9.16 9.62 1.57
C THR C 111 -9.33 10.64 0.45
N PHE C 112 -9.41 10.12 -0.79
CA PHE C 112 -9.61 10.90 -1.99
C PHE C 112 -10.77 10.32 -2.79
N VAL C 113 -11.59 11.18 -3.39
CA VAL C 113 -12.44 10.76 -4.50
C VAL C 113 -11.98 11.40 -5.80
N LEU C 114 -11.77 10.55 -6.82
CA LEU C 114 -11.53 10.89 -8.23
C LEU C 114 -12.81 10.65 -9.04
N ALA C 115 -13.12 11.58 -9.95
CA ALA C 115 -14.36 11.53 -10.72
C ALA C 115 -14.11 12.05 -12.14
N PRO C 116 -14.67 11.41 -13.17
CA PRO C 116 -14.42 11.84 -14.54
C PRO C 116 -14.53 13.35 -14.64
N GLU C 117 -13.52 13.95 -15.25
CA GLU C 117 -13.53 15.36 -15.60
C GLU C 117 -14.65 15.59 -16.61
N GLY C 118 -14.70 14.76 -17.65
CA GLY C 118 -15.88 14.63 -18.50
C GLY C 118 -15.71 15.24 -19.89
N SER C 119 -14.87 16.28 -20.00
CA SER C 119 -14.58 16.90 -21.28
C SER C 119 -13.70 15.98 -22.14
N VAL C 120 -12.48 15.72 -21.65
CA VAL C 120 -11.58 14.71 -22.21
C VAL C 120 -11.89 13.38 -21.52
N ALA C 121 -12.12 12.32 -22.31
CA ALA C 121 -12.43 11.01 -21.76
C ALA C 121 -11.19 10.37 -21.15
N ASN C 122 -11.41 9.59 -20.07
CA ASN C 122 -10.38 8.92 -19.29
C ASN C 122 -9.41 9.93 -18.69
N LYS C 123 -9.94 11.08 -18.26
CA LYS C 123 -9.19 12.07 -17.50
C LYS C 123 -10.02 12.45 -16.27
N PHE C 124 -9.39 12.42 -15.08
CA PHE C 124 -10.10 12.54 -13.83
C PHE C 124 -9.85 13.91 -13.19
N TYR C 125 -10.67 14.26 -12.18
CA TYR C 125 -10.38 15.39 -11.32
C TYR C 125 -10.67 15.02 -9.86
N VAL C 126 -10.00 15.72 -8.93
CA VAL C 126 -10.16 15.44 -7.51
C VAL C 126 -11.42 16.14 -6.99
N HIS C 127 -12.46 15.36 -6.70
CA HIS C 127 -13.67 15.87 -6.09
C HIS C 127 -13.49 15.94 -4.57
N ASN C 128 -12.63 15.08 -4.01
CA ASN C 128 -12.40 15.16 -2.57
C ASN C 128 -11.03 14.62 -2.19
N ASP C 129 -10.42 15.35 -1.25
CA ASP C 129 -9.09 15.08 -0.74
C ASP C 129 -9.17 15.35 0.76
N ILE C 130 -9.42 14.29 1.53
CA ILE C 130 -9.47 14.38 2.98
C ILE C 130 -8.16 13.83 3.54
N PHE C 131 -7.45 14.63 4.34
CA PHE C 131 -6.16 14.26 4.90
C PHE C 131 -6.11 14.65 6.36
N ARG C 132 -5.55 13.75 7.18
CA ARG C 132 -5.56 13.92 8.63
C ARG C 132 -4.30 13.24 9.18
N TYR C 133 -3.58 13.93 10.07
CA TYR C 133 -2.46 13.34 10.80
C TYR C 133 -2.96 12.56 12.01
N GLN C 134 -2.43 11.35 12.22
CA GLN C 134 -2.83 10.54 13.37
C GLN C 134 -2.51 11.28 14.67
N ASP C 135 -1.39 12.02 14.73
CA ASP C 135 -0.98 12.68 15.97
C ASP C 135 -1.92 13.84 16.32
N GLU C 136 -2.61 14.43 15.32
CA GLU C 136 -3.58 15.48 15.57
C GLU C 136 -4.92 14.92 16.07
N VAL C 137 -5.21 13.65 15.76
CA VAL C 137 -6.52 13.08 16.06
C VAL C 137 -6.43 12.05 17.18
N PHE C 138 -5.31 11.32 17.23
CA PHE C 138 -5.13 10.26 18.22
C PHE C 138 -4.38 10.82 19.43
N MET D 3 7.66 6.06 -6.99
CA MET D 3 8.69 7.13 -7.17
C MET D 3 8.46 7.85 -8.49
N GLU D 4 9.48 7.86 -9.36
CA GLU D 4 9.36 8.54 -10.64
C GLU D 4 9.33 7.51 -11.77
N LYS D 5 8.51 6.48 -11.61
CA LYS D 5 8.22 5.57 -12.70
C LYS D 5 6.81 5.01 -12.53
N PRO D 6 5.93 5.16 -13.53
CA PRO D 6 4.62 4.53 -13.53
C PRO D 6 4.66 3.05 -13.17
N SER D 7 3.49 2.45 -12.92
CA SER D 7 3.34 1.01 -12.93
C SER D 7 3.51 0.47 -14.34
N PRO D 8 4.58 -0.32 -14.60
CA PRO D 8 4.72 -1.00 -15.89
C PRO D 8 3.37 -1.60 -16.29
N LEU D 9 2.76 -2.31 -15.33
CA LEU D 9 1.55 -3.06 -15.60
C LEU D 9 0.50 -2.12 -16.18
N LEU D 10 0.30 -0.99 -15.50
CA LEU D 10 -0.69 0.00 -15.91
C LEU D 10 -0.32 0.54 -17.28
N VAL D 11 0.99 0.78 -17.51
CA VAL D 11 1.43 1.29 -18.80
C VAL D 11 1.03 0.29 -19.87
N GLY D 12 1.15 -0.99 -19.56
CA GLY D 12 0.72 -2.06 -20.44
C GLY D 12 -0.76 -1.97 -20.77
N ARG D 13 -1.58 -1.91 -19.71
CA ARG D 13 -3.02 -2.11 -19.87
C ARG D 13 -3.62 -0.88 -20.53
N GLU D 14 -2.94 0.27 -20.43
CA GLU D 14 -3.34 1.49 -21.09
C GLU D 14 -2.92 1.47 -22.56
N PHE D 15 -1.64 1.22 -22.80
CA PHE D 15 -1.20 1.11 -24.16
C PHE D 15 -2.20 0.19 -24.88
N VAL D 16 -2.45 -0.96 -24.26
CA VAL D 16 -3.23 -2.01 -24.90
C VAL D 16 -4.61 -1.47 -25.23
N ARG D 17 -5.28 -0.87 -24.23
CA ARG D 17 -6.60 -0.30 -24.39
C ARG D 17 -6.61 0.66 -25.58
N GLN D 18 -5.61 1.55 -25.61
CA GLN D 18 -5.56 2.60 -26.60
C GLN D 18 -5.40 2.00 -28.00
N TYR D 19 -4.56 0.96 -28.11
CA TYR D 19 -4.13 0.39 -29.38
C TYR D 19 -5.26 -0.37 -30.08
N TYR D 20 -6.02 -1.18 -29.33
CA TYR D 20 -7.09 -1.97 -29.92
C TYR D 20 -8.30 -1.08 -30.18
N THR D 21 -8.51 -0.11 -29.28
CA THR D 21 -9.54 0.89 -29.56
C THR D 21 -9.18 1.55 -30.89
N LEU D 22 -8.00 2.18 -30.91
CA LEU D 22 -7.48 2.86 -32.09
C LEU D 22 -7.54 1.94 -33.31
N LEU D 23 -7.15 0.67 -33.14
CA LEU D 23 -7.17 -0.30 -34.22
C LEU D 23 -8.60 -0.48 -34.76
N ASN D 24 -9.61 -0.35 -33.89
CA ASN D 24 -10.99 -0.41 -34.31
C ASN D 24 -11.45 0.91 -34.91
N GLN D 25 -10.85 2.03 -34.47
CA GLN D 25 -11.47 3.33 -34.63
C GLN D 25 -10.74 4.18 -35.67
N ALA D 26 -9.41 4.11 -35.73
CA ALA D 26 -8.68 4.85 -36.73
C ALA D 26 -7.33 4.17 -37.00
N PRO D 27 -7.30 3.07 -37.79
CA PRO D 27 -6.07 2.32 -38.01
C PRO D 27 -5.05 3.18 -38.76
N ASP D 28 -5.56 4.07 -39.61
CA ASP D 28 -4.73 5.01 -40.34
C ASP D 28 -4.03 5.99 -39.38
N MET D 29 -4.40 5.99 -38.11
CA MET D 29 -3.73 6.83 -37.12
C MET D 29 -2.81 5.97 -36.25
N LEU D 30 -2.73 4.68 -36.54
CA LEU D 30 -2.08 3.73 -35.65
C LEU D 30 -0.57 3.96 -35.69
N HIS D 31 -0.10 4.26 -36.91
CA HIS D 31 1.28 4.55 -37.22
C HIS D 31 1.86 5.62 -36.29
N ARG D 32 0.97 6.43 -35.71
CA ARG D 32 1.40 7.57 -34.93
C ARG D 32 2.07 7.06 -33.65
N PHE D 33 1.84 5.77 -33.32
CA PHE D 33 2.41 5.20 -32.10
C PHE D 33 3.93 5.04 -32.16
N TYR D 34 4.55 5.14 -33.35
CA TYR D 34 5.88 4.60 -33.56
C TYR D 34 6.92 5.68 -33.91
N GLY D 35 8.20 5.27 -33.92
CA GLY D 35 9.33 6.15 -34.20
C GLY D 35 10.15 5.63 -35.38
N LYS D 36 11.34 6.20 -35.59
CA LYS D 36 12.17 5.88 -36.74
C LYS D 36 12.60 4.42 -36.70
N ASN D 37 13.20 4.02 -35.58
CA ASN D 37 13.75 2.68 -35.44
C ASN D 37 12.68 1.69 -34.96
N SER D 38 11.39 2.04 -35.01
CA SER D 38 10.33 1.11 -34.63
C SER D 38 10.29 -0.04 -35.63
N SER D 39 9.41 -1.02 -35.39
CA SER D 39 9.51 -2.33 -35.98
C SER D 39 8.19 -3.07 -35.81
N TYR D 40 7.62 -3.54 -36.92
CA TYR D 40 6.23 -3.99 -36.98
C TYR D 40 6.16 -5.28 -37.77
N VAL D 41 5.59 -6.34 -37.15
CA VAL D 41 5.65 -7.69 -37.70
C VAL D 41 4.28 -8.35 -37.67
N HIS D 42 3.51 -8.19 -38.76
CA HIS D 42 2.16 -8.75 -38.86
C HIS D 42 1.95 -9.50 -40.18
N GLY D 43 3.01 -10.15 -40.68
CA GLY D 43 2.96 -10.92 -41.91
C GLY D 43 3.25 -12.40 -41.66
N ALA D 52 7.17 -13.57 -42.00
CA ALA D 52 7.71 -12.54 -42.93
C ALA D 52 8.54 -11.52 -42.16
N ASP D 53 9.23 -10.65 -42.91
CA ASP D 53 10.17 -9.70 -42.34
C ASP D 53 9.39 -8.61 -41.58
N ALA D 54 10.13 -7.75 -40.88
CA ALA D 54 9.58 -6.61 -40.18
C ALA D 54 9.66 -5.38 -41.10
N VAL D 55 8.62 -4.54 -41.09
CA VAL D 55 8.72 -3.19 -41.64
C VAL D 55 9.09 -2.22 -40.50
N TYR D 56 9.88 -1.20 -40.83
CA TYR D 56 10.41 -0.26 -39.85
C TYR D 56 9.88 1.15 -40.12
N GLY D 57 9.60 1.90 -39.05
CA GLY D 57 9.42 3.35 -39.15
C GLY D 57 8.04 3.75 -39.65
N GLN D 58 7.56 4.91 -39.15
CA GLN D 58 6.17 5.36 -39.29
C GLN D 58 5.67 5.21 -40.73
N LYS D 59 6.49 5.67 -41.68
CA LYS D 59 6.10 5.75 -43.08
C LYS D 59 5.66 4.39 -43.61
N GLU D 60 6.44 3.34 -43.28
CA GLU D 60 6.25 2.01 -43.87
C GLU D 60 5.30 1.16 -43.04
N ILE D 61 5.24 1.44 -41.73
CA ILE D 61 4.37 0.67 -40.86
C ILE D 61 2.94 0.99 -41.25
N HIS D 62 2.61 2.30 -41.25
CA HIS D 62 1.39 2.83 -41.81
C HIS D 62 1.02 2.09 -43.11
N ARG D 63 1.98 2.01 -44.04
CA ARG D 63 1.75 1.30 -45.28
C ARG D 63 1.23 -0.11 -44.99
N LYS D 64 1.97 -0.86 -44.15
CA LYS D 64 1.62 -2.23 -43.77
C LYS D 64 0.26 -2.25 -43.07
N VAL D 65 0.05 -1.30 -42.16
CA VAL D 65 -1.21 -1.14 -41.44
C VAL D 65 -2.35 -0.98 -42.43
N MET D 66 -2.20 -0.03 -43.36
CA MET D 66 -3.24 0.32 -44.31
C MET D 66 -3.54 -0.84 -45.25
N SER D 67 -2.49 -1.59 -45.61
CA SER D 67 -2.61 -2.73 -46.51
C SER D 67 -3.40 -3.88 -45.86
N GLN D 68 -3.27 -4.01 -44.54
CA GLN D 68 -3.97 -5.03 -43.77
C GLN D 68 -5.47 -4.75 -43.72
N ASN D 69 -5.92 -3.64 -44.33
CA ASN D 69 -7.33 -3.33 -44.51
C ASN D 69 -8.11 -3.72 -43.25
N PHE D 70 -7.66 -3.20 -42.12
CA PHE D 70 -8.45 -3.30 -40.91
C PHE D 70 -9.73 -2.50 -41.12
N THR D 71 -10.88 -3.18 -40.99
CA THR D 71 -12.16 -2.52 -40.95
C THR D 71 -13.00 -3.21 -39.88
N ASN D 72 -13.62 -2.39 -39.02
CA ASN D 72 -14.52 -2.80 -37.94
C ASN D 72 -13.86 -3.85 -37.06
N CYS D 73 -12.56 -3.66 -36.81
CA CYS D 73 -11.75 -4.66 -36.12
C CYS D 73 -12.22 -4.79 -34.68
N HIS D 74 -12.44 -6.03 -34.25
CA HIS D 74 -12.84 -6.32 -32.88
C HIS D 74 -11.76 -7.17 -32.21
N THR D 75 -11.72 -7.11 -30.88
CA THR D 75 -10.68 -7.73 -30.08
C THR D 75 -11.34 -8.39 -28.88
N LYS D 76 -10.59 -9.28 -28.21
CA LYS D 76 -10.88 -9.67 -26.85
C LYS D 76 -9.58 -10.03 -26.15
N ILE D 77 -9.10 -9.17 -25.27
CA ILE D 77 -7.92 -9.45 -24.48
C ILE D 77 -8.29 -10.49 -23.43
N ARG D 78 -7.50 -11.56 -23.32
CA ARG D 78 -7.73 -12.59 -22.31
C ARG D 78 -6.68 -12.52 -21.20
N HIS D 79 -5.54 -11.91 -21.52
CA HIS D 79 -4.55 -11.63 -20.49
C HIS D 79 -3.44 -10.75 -21.07
N VAL D 80 -2.86 -9.97 -20.16
CA VAL D 80 -1.81 -9.04 -20.47
C VAL D 80 -0.74 -9.23 -19.40
N ASP D 81 0.50 -9.47 -19.85
CA ASP D 81 1.68 -9.37 -19.01
C ASP D 81 2.49 -8.19 -19.50
N ALA D 82 2.88 -7.32 -18.55
CA ALA D 82 3.58 -6.09 -18.87
C ALA D 82 4.53 -5.78 -17.72
N HIS D 83 5.83 -5.71 -18.01
CA HIS D 83 6.82 -5.72 -16.95
C HIS D 83 7.92 -4.68 -17.21
N ALA D 84 8.69 -4.39 -16.17
CA ALA D 84 9.89 -3.59 -16.31
C ALA D 84 10.81 -4.29 -17.29
N THR D 85 11.51 -3.51 -18.10
CA THR D 85 12.62 -4.01 -18.90
C THR D 85 13.60 -2.86 -19.01
N LEU D 86 14.80 -3.16 -19.53
CA LEU D 86 15.97 -2.31 -19.34
C LEU D 86 15.69 -0.86 -19.75
N ASN D 87 16.22 0.08 -18.95
CA ASN D 87 16.14 1.50 -19.21
C ASN D 87 14.68 1.95 -19.21
N ASP D 88 13.93 1.46 -18.22
CA ASP D 88 12.56 1.87 -17.97
C ASP D 88 11.71 1.66 -19.22
N GLY D 89 12.07 0.67 -20.04
CA GLY D 89 11.17 0.18 -21.06
C GLY D 89 10.09 -0.68 -20.41
N VAL D 90 9.22 -1.27 -21.24
CA VAL D 90 8.10 -2.05 -20.76
C VAL D 90 7.76 -3.05 -21.85
N VAL D 91 7.72 -4.35 -21.51
CA VAL D 91 7.50 -5.40 -22.49
C VAL D 91 6.11 -5.99 -22.25
N VAL D 92 5.29 -5.94 -23.31
CA VAL D 92 3.91 -6.38 -23.23
C VAL D 92 3.83 -7.73 -23.94
N GLN D 93 3.24 -8.74 -23.28
CA GLN D 93 2.73 -9.92 -23.98
C GLN D 93 1.21 -10.01 -23.86
N VAL D 94 0.51 -10.07 -25.01
CA VAL D 94 -0.94 -10.12 -25.02
C VAL D 94 -1.42 -11.43 -25.64
N MET D 95 -2.35 -12.11 -24.95
CA MET D 95 -3.06 -13.27 -25.48
C MET D 95 -4.52 -12.88 -25.75
N GLY D 96 -5.06 -13.20 -26.93
CA GLY D 96 -6.34 -12.60 -27.29
C GLY D 96 -7.11 -13.31 -28.40
N LEU D 97 -8.25 -12.73 -28.75
CA LEU D 97 -9.01 -13.09 -29.93
C LEU D 97 -9.12 -11.84 -30.79
N LEU D 98 -8.93 -11.99 -32.11
CA LEU D 98 -9.07 -10.87 -33.01
C LEU D 98 -9.84 -11.27 -34.26
N SER D 99 -10.69 -10.35 -34.73
CA SER D 99 -11.40 -10.50 -35.99
C SER D 99 -11.19 -9.26 -36.83
N ASN D 100 -11.68 -9.33 -38.07
CA ASN D 100 -11.64 -8.16 -38.94
C ASN D 100 -12.81 -8.24 -39.92
N ASN D 101 -13.18 -7.08 -40.49
CA ASN D 101 -14.36 -6.95 -41.33
C ASN D 101 -15.42 -7.92 -40.80
N ASN D 102 -15.69 -7.83 -39.48
CA ASN D 102 -16.67 -8.64 -38.76
C ASN D 102 -16.60 -10.09 -39.24
N GLN D 103 -15.58 -10.83 -38.79
CA GLN D 103 -15.39 -12.22 -39.16
C GLN D 103 -14.97 -13.03 -37.93
N ALA D 104 -14.47 -14.24 -38.17
CA ALA D 104 -14.09 -15.15 -37.09
C ALA D 104 -12.97 -14.54 -36.23
N LEU D 105 -13.08 -14.75 -34.90
CA LEU D 105 -12.09 -14.33 -33.93
C LEU D 105 -10.98 -15.38 -33.81
N ARG D 106 -9.83 -15.15 -34.45
CA ARG D 106 -8.67 -16.02 -34.35
C ARG D 106 -7.92 -15.73 -33.05
N ARG D 107 -7.44 -16.77 -32.36
CA ARG D 107 -6.59 -16.60 -31.18
C ARG D 107 -5.24 -16.07 -31.62
N PHE D 108 -4.57 -15.32 -30.73
CA PHE D 108 -3.29 -14.72 -31.07
C PHE D 108 -2.50 -14.31 -29.83
N MET D 109 -1.19 -14.18 -30.01
CA MET D 109 -0.32 -13.54 -29.05
C MET D 109 0.40 -12.38 -29.73
N GLN D 110 0.45 -11.24 -29.02
CA GLN D 110 1.14 -10.06 -29.53
C GLN D 110 2.14 -9.59 -28.49
N THR D 111 3.39 -9.41 -28.93
CA THR D 111 4.46 -8.96 -28.05
C THR D 111 4.84 -7.52 -28.40
N PHE D 112 4.81 -6.61 -27.42
CA PHE D 112 5.24 -5.23 -27.67
C PHE D 112 6.47 -4.95 -26.84
N VAL D 113 7.31 -4.04 -27.36
CA VAL D 113 8.28 -3.39 -26.53
C VAL D 113 7.93 -1.90 -26.53
N LEU D 114 7.84 -1.31 -25.33
CA LEU D 114 7.55 0.10 -25.15
C LEU D 114 8.78 0.79 -24.55
N ALA D 115 9.38 1.69 -25.32
CA ALA D 115 10.51 2.48 -24.85
C ALA D 115 10.03 3.84 -24.39
N PRO D 116 10.66 4.42 -23.33
CA PRO D 116 10.54 5.85 -23.01
C PRO D 116 10.94 6.73 -24.18
N GLU D 117 10.53 7.99 -24.13
CA GLU D 117 10.84 8.95 -25.18
C GLU D 117 11.42 10.21 -24.52
N GLY D 118 12.32 10.00 -23.54
CA GLY D 118 12.93 11.04 -22.73
C GLY D 118 12.84 12.44 -23.35
N SER D 119 11.94 13.26 -22.79
CA SER D 119 11.53 14.56 -23.31
C SER D 119 10.17 14.94 -22.73
N VAL D 120 9.40 13.92 -22.30
CA VAL D 120 8.14 14.08 -21.59
C VAL D 120 8.11 13.04 -20.47
N ALA D 121 7.26 13.25 -19.46
CA ALA D 121 7.24 12.45 -18.24
C ALA D 121 6.59 11.08 -18.48
N ASN D 122 5.28 11.07 -18.76
CA ASN D 122 4.51 9.82 -18.75
C ASN D 122 4.31 9.36 -20.19
N LYS D 123 5.40 9.28 -20.93
CA LYS D 123 5.35 9.17 -22.38
C LYS D 123 6.24 8.01 -22.85
N PHE D 124 5.68 7.20 -23.76
CA PHE D 124 6.40 6.09 -24.35
C PHE D 124 6.18 6.11 -25.87
N TYR D 125 6.89 5.22 -26.56
CA TYR D 125 6.61 4.90 -27.94
C TYR D 125 6.86 3.41 -28.18
N VAL D 126 6.14 2.86 -29.17
CA VAL D 126 6.21 1.44 -29.48
C VAL D 126 7.43 1.17 -30.36
N HIS D 127 8.47 0.55 -29.76
CA HIS D 127 9.69 0.18 -30.47
C HIS D 127 9.55 -1.18 -31.18
N ASN D 128 8.80 -2.11 -30.57
CA ASN D 128 8.61 -3.42 -31.18
C ASN D 128 7.16 -3.85 -31.01
N ASP D 129 6.63 -4.42 -32.10
CA ASP D 129 5.26 -4.86 -32.20
C ASP D 129 5.24 -6.12 -33.06
N ILE D 130 4.94 -7.28 -32.44
CA ILE D 130 5.13 -8.59 -33.03
C ILE D 130 3.85 -9.41 -32.87
N PHE D 131 3.13 -9.63 -33.98
CA PHE D 131 1.87 -10.37 -33.99
C PHE D 131 2.11 -11.82 -34.40
N ARG D 132 1.29 -12.73 -33.87
CA ARG D 132 1.19 -14.06 -34.44
C ARG D 132 -0.09 -14.73 -33.93
N TYR D 133 -0.95 -15.13 -34.86
CA TYR D 133 -2.05 -16.05 -34.59
C TYR D 133 -1.51 -17.39 -34.09
N GLN D 134 -2.35 -18.10 -33.33
CA GLN D 134 -2.00 -19.42 -32.83
C GLN D 134 -2.17 -20.45 -33.94
N ASP D 135 -3.23 -20.32 -34.74
CA ASP D 135 -3.60 -21.35 -35.69
C ASP D 135 -2.56 -21.44 -36.82
N GLU D 136 -1.59 -20.51 -36.83
CA GLU D 136 -0.54 -20.51 -37.84
C GLU D 136 0.72 -21.18 -37.31
N VAL D 137 0.67 -21.76 -36.11
CA VAL D 137 1.86 -22.26 -35.45
C VAL D 137 1.50 -23.46 -34.57
N PHE D 138 0.50 -24.24 -34.99
CA PHE D 138 0.03 -25.39 -34.23
C PHE D 138 -0.80 -26.28 -35.18
N GLU E 4 25.06 10.37 33.51
CA GLU E 4 25.27 11.77 33.02
C GLU E 4 24.03 12.24 32.27
N LYS E 5 24.16 13.33 31.51
CA LYS E 5 23.04 14.03 30.89
C LYS E 5 23.53 15.07 29.88
N PRO E 6 22.66 15.51 28.93
CA PRO E 6 23.04 16.47 27.89
C PRO E 6 23.28 17.87 28.41
N SER E 7 24.12 18.63 27.70
CA SER E 7 24.60 19.91 28.19
C SER E 7 23.58 21.01 27.89
N PRO E 8 23.19 21.84 28.90
CA PRO E 8 22.07 22.76 28.75
C PRO E 8 22.22 23.83 27.68
N LEU E 9 23.44 24.35 27.49
CA LEU E 9 23.72 25.36 26.49
C LEU E 9 23.27 24.82 25.13
N LEU E 10 23.81 23.65 24.78
CA LEU E 10 23.30 22.86 23.67
C LEU E 10 21.80 22.67 23.83
N VAL E 11 21.35 22.20 24.99
CA VAL E 11 19.95 21.84 25.13
C VAL E 11 19.07 23.06 24.87
N GLY E 12 19.40 24.19 25.50
CA GLY E 12 18.68 25.44 25.26
C GLY E 12 18.63 25.77 23.78
N ARG E 13 19.82 26.05 23.23
CA ARG E 13 20.02 26.49 21.85
C ARG E 13 19.26 25.59 20.89
N GLU E 14 19.28 24.28 21.12
CA GLU E 14 18.60 23.36 20.23
C GLU E 14 17.09 23.51 20.39
N PHE E 15 16.61 23.43 21.63
CA PHE E 15 15.21 23.63 21.91
C PHE E 15 14.71 24.90 21.22
N VAL E 16 15.51 25.96 21.33
CA VAL E 16 15.19 27.27 20.77
C VAL E 16 15.13 27.17 19.25
N ARG E 17 16.07 26.44 18.66
CA ARG E 17 16.08 26.19 17.23
C ARG E 17 14.80 25.47 16.84
N GLN E 18 14.44 24.39 17.56
CA GLN E 18 13.23 23.65 17.23
C GLN E 18 11.99 24.49 17.53
N TYR E 19 12.07 25.37 18.53
CA TYR E 19 10.90 26.08 19.01
C TYR E 19 10.40 27.09 17.97
N TYR E 20 11.33 27.89 17.43
CA TYR E 20 10.98 28.95 16.50
C TYR E 20 10.73 28.39 15.11
N THR E 21 11.44 27.31 14.77
CA THR E 21 11.13 26.60 13.54
C THR E 21 9.64 26.25 13.53
N LEU E 22 9.17 25.64 14.62
CA LEU E 22 7.79 25.16 14.66
C LEU E 22 6.83 26.34 14.64
N LEU E 23 7.21 27.43 15.34
CA LEU E 23 6.42 28.66 15.33
C LEU E 23 6.33 29.18 13.89
N ASN E 24 7.49 29.28 13.23
CA ASN E 24 7.62 29.78 11.88
C ASN E 24 6.77 28.95 10.93
N GLN E 25 6.97 27.62 10.96
CA GLN E 25 6.47 26.73 9.92
C GLN E 25 5.01 26.35 10.19
N ALA E 26 4.73 25.74 11.34
CA ALA E 26 3.41 25.20 11.63
C ALA E 26 3.11 25.29 13.13
N PRO E 27 2.57 26.43 13.62
CA PRO E 27 2.41 26.64 15.07
C PRO E 27 1.07 26.17 15.65
N ASP E 28 0.25 25.48 14.87
CA ASP E 28 -1.05 25.02 15.36
C ASP E 28 -0.87 23.78 16.24
N MET E 29 0.36 23.33 16.44
CA MET E 29 0.66 22.31 17.42
C MET E 29 1.94 22.66 18.18
N LEU E 30 2.03 23.91 18.63
CA LEU E 30 3.09 24.33 19.54
C LEU E 30 2.65 24.05 20.97
N HIS E 31 1.35 23.79 21.15
CA HIS E 31 0.78 23.43 22.43
C HIS E 31 1.28 22.05 22.87
N ARG E 32 1.63 21.21 21.89
CA ARG E 32 2.06 19.84 22.15
C ARG E 32 3.35 19.84 22.98
N PHE E 33 3.94 21.02 23.20
CA PHE E 33 5.17 21.17 23.96
C PHE E 33 4.92 21.60 25.41
N TYR E 34 3.65 21.60 25.85
CA TYR E 34 3.29 22.18 27.13
C TYR E 34 2.51 21.19 27.98
N GLY E 35 2.18 21.60 29.20
CA GLY E 35 1.44 20.76 30.13
C GLY E 35 0.64 21.57 31.14
N LYS E 36 -0.12 20.85 31.95
CA LYS E 36 -1.15 21.44 32.78
C LYS E 36 -0.61 22.65 33.56
N ASN E 37 0.63 22.59 34.05
CA ASN E 37 1.09 23.63 34.97
C ASN E 37 1.96 24.65 34.26
N SER E 38 1.90 24.74 32.93
CA SER E 38 2.84 25.57 32.18
C SER E 38 2.34 27.01 32.04
N SER E 39 3.27 27.98 32.04
CA SER E 39 2.95 29.40 31.94
CA SER E 39 2.95 29.40 31.94
C SER E 39 3.34 29.94 30.56
N TYR E 40 2.60 30.94 30.08
CA TYR E 40 2.75 31.45 28.73
C TYR E 40 2.42 32.94 28.68
N VAL E 41 3.38 33.76 28.22
CA VAL E 41 3.14 35.15 27.84
C VAL E 41 3.90 35.44 26.55
N HIS E 42 3.31 36.28 25.71
CA HIS E 42 3.93 36.70 24.46
C HIS E 42 3.32 38.02 24.04
N GLY E 43 4.03 39.14 24.28
CA GLY E 43 3.53 40.47 23.98
C GLY E 43 2.48 40.91 24.99
N GLY E 44 1.99 42.16 24.87
CA GLY E 44 1.28 42.79 25.97
C GLY E 44 0.28 43.87 25.54
N LEU E 45 -0.21 44.63 26.53
CA LEU E 45 -1.13 45.74 26.34
C LEU E 45 -2.37 45.27 25.58
N SER E 47 -6.60 45.60 28.90
CA SER E 47 -6.90 47.00 29.27
C SER E 47 -5.65 47.86 29.10
N ASN E 48 -5.73 49.10 29.60
CA ASN E 48 -4.72 50.12 29.33
C ASN E 48 -3.69 50.17 30.46
N GLY E 49 -2.45 50.54 30.10
CA GLY E 49 -1.40 50.84 31.07
C GLY E 49 -0.82 49.57 31.68
N LYS E 50 -0.48 48.59 30.83
CA LYS E 50 -0.25 47.24 31.30
C LYS E 50 0.36 46.36 30.21
N PRO E 51 1.50 45.68 30.47
CA PRO E 51 1.79 44.38 29.83
C PRO E 51 0.74 43.31 30.16
N ALA E 52 0.69 42.25 29.33
CA ALA E 52 -0.37 41.26 29.44
C ALA E 52 0.04 40.20 30.46
N ASP E 53 -0.97 39.64 31.13
CA ASP E 53 -0.78 38.52 32.04
C ASP E 53 -0.72 37.22 31.23
N ALA E 54 -0.30 36.15 31.90
CA ALA E 54 -0.04 34.88 31.26
C ALA E 54 -1.32 34.06 31.12
N VAL E 55 -1.20 32.89 30.50
CA VAL E 55 -2.27 31.91 30.51
C VAL E 55 -1.66 30.56 30.88
N TYR E 56 -2.48 29.65 31.41
CA TYR E 56 -1.99 28.45 32.08
C TYR E 56 -2.60 27.19 31.46
N GLY E 57 -1.73 26.25 31.07
CA GLY E 57 -2.15 24.91 30.64
C GLY E 57 -2.37 24.80 29.13
N GLN E 58 -2.14 23.59 28.60
CA GLN E 58 -2.14 23.34 27.17
C GLN E 58 -3.43 23.85 26.52
N LYS E 59 -4.57 23.70 27.21
CA LYS E 59 -5.81 24.22 26.67
C LYS E 59 -5.62 25.70 26.32
N GLU E 60 -5.49 26.55 27.34
CA GLU E 60 -5.55 28.00 27.14
C GLU E 60 -4.32 28.49 26.40
N ILE E 61 -3.17 27.83 26.62
CA ILE E 61 -1.92 28.20 25.97
C ILE E 61 -2.07 28.03 24.46
N HIS E 62 -2.87 27.05 24.03
CA HIS E 62 -3.02 26.71 22.62
C HIS E 62 -3.85 27.77 21.91
N ARG E 63 -5.08 27.98 22.41
CA ARG E 63 -6.01 28.94 21.84
C ARG E 63 -5.38 30.33 21.88
N LYS E 64 -4.62 30.61 22.95
CA LYS E 64 -3.85 31.83 23.04
C LYS E 64 -3.00 31.94 21.79
N VAL E 65 -2.17 30.92 21.55
CA VAL E 65 -1.25 30.85 20.42
C VAL E 65 -2.03 31.00 19.10
N MET E 66 -3.17 30.31 18.99
CA MET E 66 -3.99 30.35 17.80
C MET E 66 -4.44 31.78 17.50
N SER E 67 -4.79 32.55 18.54
CA SER E 67 -5.40 33.85 18.37
C SER E 67 -4.39 34.90 17.90
N GLN E 68 -3.16 34.48 17.55
CA GLN E 68 -2.07 35.42 17.30
C GLN E 68 -1.66 35.41 15.83
N ASN E 69 -2.34 34.60 14.99
CA ASN E 69 -2.09 34.60 13.56
C ASN E 69 -0.59 34.67 13.31
N PHE E 70 0.13 33.69 13.87
CA PHE E 70 1.50 33.43 13.46
C PHE E 70 1.47 32.80 12.08
N THR E 71 2.34 33.32 11.19
CA THR E 71 2.30 33.03 9.77
C THR E 71 3.43 33.81 9.10
N ASN E 72 4.25 33.12 8.30
CA ASN E 72 5.40 33.72 7.65
C ASN E 72 6.27 34.37 8.73
N CYS E 73 6.31 33.73 9.91
CA CYS E 73 6.88 34.32 11.12
C CYS E 73 8.40 34.16 11.14
N HIS E 74 9.12 35.21 10.69
CA HIS E 74 10.58 35.19 10.69
C HIS E 74 11.06 35.40 12.13
N THR E 75 12.39 35.26 12.33
CA THR E 75 13.02 35.39 13.63
C THR E 75 14.52 35.51 13.46
N LYS E 76 15.16 36.37 14.27
CA LYS E 76 16.61 36.51 14.24
C LYS E 76 17.17 36.41 15.65
N ILE E 77 17.41 35.17 16.10
CA ILE E 77 17.84 34.90 17.46
C ILE E 77 19.28 35.38 17.63
N ARG E 78 19.49 36.36 18.52
CA ARG E 78 20.78 37.01 18.67
C ARG E 78 21.52 36.49 19.90
N HIS E 79 20.78 35.92 20.87
CA HIS E 79 21.36 35.51 22.13
C HIS E 79 20.55 34.34 22.66
N VAL E 80 21.26 33.31 23.14
CA VAL E 80 20.67 32.22 23.86
C VAL E 80 21.66 31.73 24.91
N ASP E 81 21.32 31.98 26.17
CA ASP E 81 22.01 31.35 27.27
C ASP E 81 21.07 30.32 27.89
N ALA E 82 21.67 29.21 28.35
CA ALA E 82 20.93 28.10 28.93
C ALA E 82 21.73 27.50 30.09
N HIS E 83 21.02 27.05 31.12
CA HIS E 83 21.67 26.49 32.30
C HIS E 83 20.77 25.46 32.97
N ALA E 84 21.39 24.56 33.74
CA ALA E 84 20.66 23.64 34.60
C ALA E 84 20.09 24.42 35.79
N THR E 85 18.84 24.09 36.15
CA THR E 85 18.14 24.73 37.25
C THR E 85 17.74 23.63 38.24
N LEU E 86 16.69 23.84 39.03
CA LEU E 86 16.33 22.88 40.06
C LEU E 86 15.89 21.56 39.42
N ASN E 87 16.00 20.48 40.19
CA ASN E 87 15.44 19.17 39.86
C ASN E 87 15.56 18.91 38.36
N ASP E 88 16.81 18.97 37.87
CA ASP E 88 17.21 18.47 36.56
C ASP E 88 16.32 19.07 35.46
N GLY E 89 16.08 20.37 35.54
CA GLY E 89 15.45 21.13 34.48
C GLY E 89 16.46 22.12 33.90
N VAL E 90 16.02 22.91 32.92
CA VAL E 90 16.88 23.92 32.32
C VAL E 90 16.03 25.16 32.09
N VAL E 91 16.62 26.32 32.44
CA VAL E 91 16.06 27.63 32.13
C VAL E 91 16.92 28.30 31.06
N VAL E 92 16.26 29.01 30.13
CA VAL E 92 16.88 29.44 28.88
C VAL E 92 16.55 30.90 28.62
N GLN E 93 17.55 31.77 28.80
CA GLN E 93 17.44 33.17 28.43
C GLN E 93 17.62 33.31 26.91
N VAL E 94 16.76 34.13 26.29
CA VAL E 94 16.74 34.27 24.84
C VAL E 94 16.53 35.73 24.44
N MET E 95 17.48 36.31 23.69
CA MET E 95 17.33 37.66 23.17
C MET E 95 17.48 37.67 21.64
N GLY E 96 16.42 38.10 20.95
CA GLY E 96 16.36 38.08 19.50
C GLY E 96 15.28 39.04 18.98
N LEU E 97 15.04 39.03 17.66
CA LEU E 97 13.97 39.79 17.02
C LEU E 97 12.99 38.82 16.37
N LEU E 98 11.71 39.18 16.39
CA LEU E 98 10.65 38.38 15.79
CA LEU E 98 10.65 38.38 15.79
C LEU E 98 9.87 39.26 14.82
N SER E 99 9.41 38.65 13.72
CA SER E 99 8.76 39.38 12.64
C SER E 99 7.52 38.63 12.16
N ASN E 100 6.44 38.70 12.95
CA ASN E 100 5.20 38.02 12.59
C ASN E 100 4.61 38.67 11.35
N ASN E 101 4.22 37.84 10.36
CA ASN E 101 3.30 38.21 9.31
C ASN E 101 4.00 38.97 8.18
N ASN E 102 5.22 39.48 8.46
CA ASN E 102 5.96 40.30 7.53
C ASN E 102 5.80 41.77 7.91
N GLN E 103 5.70 42.04 9.22
CA GLN E 103 5.92 43.38 9.75
C GLN E 103 7.39 43.49 10.09
N ALA E 104 7.87 44.71 10.37
CA ALA E 104 9.25 44.90 10.76
C ALA E 104 9.58 43.98 11.93
N LEU E 105 10.84 43.53 11.96
CA LEU E 105 11.34 42.80 13.12
C LEU E 105 11.23 43.74 14.33
N ARG E 106 10.88 43.18 15.49
CA ARG E 106 10.68 43.97 16.70
C ARG E 106 11.24 43.21 17.90
N ARG E 107 12.32 43.77 18.48
CA ARG E 107 13.18 43.12 19.44
C ARG E 107 12.41 42.43 20.55
N PHE E 108 13.03 41.40 21.14
CA PHE E 108 12.40 40.66 22.22
C PHE E 108 13.43 40.29 23.28
N MET E 109 12.89 39.92 24.46
CA MET E 109 13.61 39.37 25.59
C MET E 109 12.74 38.26 26.18
N GLN E 110 13.19 36.99 26.09
CA GLN E 110 12.35 35.84 26.41
C GLN E 110 13.04 34.94 27.42
N THR E 111 12.24 34.25 28.25
CA THR E 111 12.75 33.30 29.23
C THR E 111 11.84 32.06 29.24
N PHE E 112 12.49 30.89 29.21
CA PHE E 112 11.87 29.60 29.16
C PHE E 112 12.31 28.79 30.38
N VAL E 113 11.39 28.01 30.94
CA VAL E 113 11.82 26.91 31.79
C VAL E 113 11.33 25.61 31.17
N LEU E 114 12.29 24.68 31.02
CA LEU E 114 12.12 23.35 30.47
C LEU E 114 12.28 22.34 31.60
N ALA E 115 11.24 21.52 31.77
CA ALA E 115 11.12 20.58 32.87
C ALA E 115 11.05 19.16 32.32
N PRO E 116 11.78 18.18 32.91
CA PRO E 116 11.63 16.76 32.55
C PRO E 116 10.19 16.28 32.58
N GLU E 117 9.88 15.29 31.72
CA GLU E 117 8.56 14.66 31.69
C GLU E 117 8.60 13.40 32.56
N GLY E 118 9.60 12.53 32.34
CA GLY E 118 9.92 11.47 33.31
C GLY E 118 9.74 10.06 32.74
N SER E 119 8.64 9.87 32.01
CA SER E 119 8.38 8.63 31.27
C SER E 119 9.64 8.16 30.55
N VAL E 120 10.34 9.12 29.94
CA VAL E 120 11.60 8.88 29.24
C VAL E 120 12.65 9.81 29.84
N ALA E 121 13.93 9.45 29.74
CA ALA E 121 14.99 10.41 30.00
C ALA E 121 15.29 11.16 28.71
N ASN E 122 16.03 12.28 28.83
CA ASN E 122 16.29 13.22 27.75
C ASN E 122 15.01 13.56 26.99
N LYS E 123 14.17 14.36 27.66
CA LYS E 123 12.81 14.61 27.25
C LYS E 123 12.20 15.57 28.26
N PHE E 124 11.79 16.74 27.79
CA PHE E 124 11.33 17.79 28.66
C PHE E 124 10.08 18.43 28.07
N TYR E 125 9.29 19.06 28.95
CA TYR E 125 8.22 19.93 28.50
C TYR E 125 8.61 21.34 28.93
N VAL E 126 7.83 22.30 28.40
CA VAL E 126 8.01 23.72 28.68
C VAL E 126 7.03 24.14 29.79
N HIS E 127 7.52 24.13 31.04
CA HIS E 127 6.76 24.56 32.21
C HIS E 127 6.51 26.07 32.18
N ASN E 128 7.39 26.86 31.54
CA ASN E 128 7.27 28.30 31.57
C ASN E 128 7.82 28.93 30.29
N ASP E 129 6.99 29.80 29.69
CA ASP E 129 7.28 30.53 28.46
C ASP E 129 6.90 31.99 28.72
N ILE E 130 7.86 32.90 28.58
CA ILE E 130 7.66 34.30 28.95
C ILE E 130 8.33 35.20 27.91
N PHE E 131 7.52 35.84 27.06
CA PHE E 131 8.01 36.62 25.94
C PHE E 131 7.55 38.08 26.06
N ARG E 132 8.51 39.00 25.86
CA ARG E 132 8.26 40.43 25.92
C ARG E 132 8.85 41.06 24.66
N TYR E 133 8.09 41.97 24.03
CA TYR E 133 8.70 42.92 23.11
C TYR E 133 9.30 44.04 23.97
N GLN E 134 10.37 44.66 23.48
CA GLN E 134 11.09 45.67 24.22
C GLN E 134 10.50 47.06 23.97
N ASP E 135 9.44 47.15 23.16
CA ASP E 135 8.84 48.43 22.79
C ASP E 135 7.51 48.65 23.51
N GLU E 136 6.89 47.58 24.02
CA GLU E 136 5.70 47.67 24.86
C GLU E 136 6.16 47.71 26.32
N VAL E 137 7.47 47.66 26.52
CA VAL E 137 8.11 48.19 27.71
C VAL E 137 9.21 49.13 27.19
N PHE E 138 9.97 49.79 28.07
CA PHE E 138 11.16 50.53 27.64
C PHE E 138 10.77 51.65 26.65
N VAL F 2 21.43 -36.95 29.54
CA VAL F 2 21.99 -36.77 28.16
C VAL F 2 21.61 -37.96 27.29
N MET F 3 21.67 -39.18 27.85
CA MET F 3 21.28 -40.40 27.17
C MET F 3 19.84 -40.79 27.50
N GLU F 4 19.47 -40.73 28.79
CA GLU F 4 18.18 -41.22 29.27
C GLU F 4 17.04 -40.26 28.91
N LYS F 5 17.29 -39.24 28.09
CA LYS F 5 16.26 -38.26 27.77
C LYS F 5 16.71 -37.39 26.58
N PRO F 6 15.79 -37.05 25.64
CA PRO F 6 16.16 -36.28 24.45
C PRO F 6 16.40 -34.80 24.74
N SER F 7 17.39 -34.20 24.09
CA SER F 7 17.62 -32.77 24.20
C SER F 7 16.28 -32.04 24.23
N PRO F 8 16.04 -31.14 25.22
CA PRO F 8 14.79 -30.39 25.29
C PRO F 8 14.59 -29.55 24.02
N LEU F 9 15.69 -28.93 23.58
CA LEU F 9 15.68 -27.96 22.52
C LEU F 9 15.07 -28.60 21.27
N LEU F 10 15.66 -29.72 20.88
CA LEU F 10 15.11 -30.52 19.80
C LEU F 10 13.64 -30.83 20.04
N VAL F 11 13.26 -31.13 21.30
CA VAL F 11 11.91 -31.65 21.52
C VAL F 11 10.89 -30.58 21.14
N GLY F 12 11.26 -29.31 21.38
CA GLY F 12 10.35 -28.20 21.23
C GLY F 12 10.21 -27.77 19.77
N ARG F 13 11.32 -27.84 19.03
CA ARG F 13 11.40 -27.37 17.67
C ARG F 13 10.57 -28.28 16.78
N GLU F 14 10.79 -29.59 16.95
CA GLU F 14 10.06 -30.60 16.21
C GLU F 14 8.58 -30.56 16.58
N PHE F 15 8.27 -30.25 17.84
CA PHE F 15 6.90 -29.96 18.24
C PHE F 15 6.38 -28.74 17.48
N VAL F 16 7.20 -27.68 17.50
CA VAL F 16 6.89 -26.40 16.88
C VAL F 16 6.64 -26.62 15.39
N ARG F 17 7.52 -27.39 14.73
CA ARG F 17 7.33 -27.78 13.35
C ARG F 17 5.95 -28.44 13.23
N GLN F 18 5.69 -29.42 14.10
CA GLN F 18 4.50 -30.22 13.97
C GLN F 18 3.24 -29.39 14.27
N TYR F 19 3.35 -28.43 15.19
CA TYR F 19 2.19 -27.72 15.74
C TYR F 19 1.58 -26.78 14.70
N TYR F 20 2.43 -26.03 13.99
CA TYR F 20 1.95 -24.99 13.09
C TYR F 20 1.59 -25.58 11.72
N THR F 21 2.26 -26.68 11.36
CA THR F 21 1.83 -27.51 10.25
C THR F 21 0.36 -27.89 10.43
N LEU F 22 -0.01 -28.39 11.62
CA LEU F 22 -1.32 -28.97 11.80
C LEU F 22 -2.36 -27.87 12.06
N LEU F 23 -1.91 -26.76 12.67
CA LEU F 23 -2.72 -25.56 12.72
C LEU F 23 -3.25 -25.26 11.31
N ASN F 24 -2.42 -25.58 10.31
CA ASN F 24 -2.64 -25.26 8.91
C ASN F 24 -3.36 -26.42 8.20
N GLN F 25 -2.65 -27.55 8.05
CA GLN F 25 -3.07 -28.65 7.19
C GLN F 25 -4.38 -29.27 7.66
N ALA F 26 -4.61 -29.34 8.99
CA ALA F 26 -5.77 -30.05 9.52
C ALA F 26 -5.92 -29.83 11.02
N PRO F 27 -6.29 -28.62 11.49
CA PRO F 27 -6.39 -28.34 12.92
C PRO F 27 -7.57 -29.04 13.60
N ASP F 28 -8.38 -29.75 12.80
CA ASP F 28 -9.53 -30.52 13.25
C ASP F 28 -9.06 -31.62 14.21
N MET F 29 -7.82 -32.08 14.04
CA MET F 29 -7.22 -33.08 14.90
C MET F 29 -6.04 -32.47 15.68
N LEU F 30 -6.19 -31.21 16.10
CA LEU F 30 -5.13 -30.57 16.88
C LEU F 30 -5.26 -31.01 18.33
N HIS F 31 -6.51 -31.10 18.79
CA HIS F 31 -6.85 -31.52 20.14
C HIS F 31 -6.06 -32.74 20.57
N ARG F 32 -5.78 -33.62 19.59
CA ARG F 32 -5.04 -34.85 19.79
C ARG F 32 -3.71 -34.62 20.50
N PHE F 33 -3.14 -33.40 20.40
CA PHE F 33 -1.88 -33.11 21.06
C PHE F 33 -2.02 -33.16 22.59
N TYR F 34 -3.24 -33.00 23.12
CA TYR F 34 -3.45 -32.72 24.53
C TYR F 34 -4.00 -33.95 25.26
N GLY F 35 -4.28 -33.79 26.57
CA GLY F 35 -4.87 -34.84 27.40
C GLY F 35 -5.84 -34.27 28.44
N LYS F 36 -6.26 -35.15 29.37
CA LYS F 36 -7.32 -34.84 30.33
C LYS F 36 -6.87 -33.83 31.38
N ASN F 37 -5.57 -33.52 31.43
CA ASN F 37 -5.03 -32.60 32.43
C ASN F 37 -4.54 -31.31 31.77
N SER F 38 -4.80 -31.17 30.47
CA SER F 38 -4.14 -30.15 29.66
C SER F 38 -5.01 -28.91 29.52
N SER F 39 -4.36 -27.75 29.36
CA SER F 39 -5.03 -26.45 29.32
C SER F 39 -4.94 -25.87 27.91
N TYR F 40 -5.81 -24.91 27.58
CA TYR F 40 -5.77 -24.25 26.29
C TYR F 40 -6.42 -22.86 26.41
N VAL F 41 -5.71 -21.82 25.93
CA VAL F 41 -6.10 -20.43 26.14
C VAL F 41 -5.67 -19.60 24.93
N HIS F 42 -6.63 -18.92 24.30
N HIS F 42 -6.65 -18.99 24.26
CA HIS F 42 -6.34 -18.14 23.10
CA HIS F 42 -6.45 -18.19 23.06
C HIS F 42 -6.94 -16.73 23.19
C HIS F 42 -6.89 -16.74 23.29
N GLY F 43 -8.10 -16.58 23.84
CA GLY F 43 -8.72 -15.28 24.01
C GLY F 43 -8.04 -14.41 25.08
N GLY F 44 -8.64 -14.39 26.28
CA GLY F 44 -8.13 -13.61 27.40
C GLY F 44 -7.22 -14.42 28.30
N ALA F 52 -9.65 -14.85 30.48
CA ALA F 52 -10.92 -15.60 30.34
C ALA F 52 -10.68 -17.10 30.57
N ASP F 53 -11.63 -17.74 31.26
CA ASP F 53 -11.46 -19.10 31.75
C ASP F 53 -10.99 -19.98 30.59
N ALA F 54 -10.00 -20.83 30.89
CA ALA F 54 -9.40 -21.73 29.93
C ALA F 54 -10.14 -23.07 29.94
N VAL F 55 -10.15 -23.75 28.79
CA VAL F 55 -10.78 -25.05 28.65
C VAL F 55 -9.75 -26.12 28.99
N TYR F 56 -10.26 -27.24 29.53
CA TYR F 56 -9.44 -28.37 29.94
C TYR F 56 -9.85 -29.62 29.17
N GLY F 57 -8.86 -30.34 28.59
CA GLY F 57 -9.05 -31.67 28.03
C GLY F 57 -9.27 -31.67 26.52
N GLN F 58 -9.17 -32.85 25.91
CA GLN F 58 -9.28 -33.00 24.47
C GLN F 58 -10.64 -32.50 23.96
N LYS F 59 -11.72 -32.88 24.65
CA LYS F 59 -13.07 -32.63 24.15
C LYS F 59 -13.36 -31.13 24.13
N GLU F 60 -12.93 -30.42 25.19
CA GLU F 60 -13.20 -29.00 25.33
C GLU F 60 -12.21 -28.17 24.51
N ILE F 61 -11.01 -28.74 24.27
CA ILE F 61 -9.98 -28.06 23.49
C ILE F 61 -10.37 -28.17 22.02
N HIS F 62 -10.65 -29.41 21.55
CA HIS F 62 -11.22 -29.64 20.24
C HIS F 62 -12.34 -28.65 19.96
N ARG F 63 -13.28 -28.58 20.92
CA ARG F 63 -14.48 -27.75 20.85
C ARG F 63 -14.10 -26.27 20.76
N LYS F 64 -12.95 -25.91 21.35
CA LYS F 64 -12.48 -24.55 21.36
C LYS F 64 -11.69 -24.24 20.09
N VAL F 65 -10.75 -25.13 19.74
CA VAL F 65 -9.95 -24.98 18.53
C VAL F 65 -10.86 -24.73 17.33
N MET F 66 -11.95 -25.50 17.24
CA MET F 66 -12.87 -25.48 16.11
C MET F 66 -13.75 -24.22 16.15
N SER F 67 -14.32 -23.89 17.32
CA SER F 67 -15.06 -22.64 17.48
C SER F 67 -14.07 -21.49 17.59
N GLN F 68 -13.19 -21.40 16.58
CA GLN F 68 -12.12 -20.41 16.53
C GLN F 68 -11.71 -20.26 15.07
N ASN F 69 -12.71 -19.93 14.25
CA ASN F 69 -12.64 -19.98 12.80
C ASN F 69 -11.21 -19.80 12.31
N PHE F 70 -10.44 -20.89 12.35
CA PHE F 70 -9.12 -20.93 11.74
C PHE F 70 -9.28 -21.30 10.27
N THR F 71 -8.46 -20.70 9.41
CA THR F 71 -8.55 -20.95 7.97
C THR F 71 -7.20 -20.61 7.33
N ASN F 72 -6.66 -21.56 6.55
CA ASN F 72 -5.40 -21.40 5.85
C ASN F 72 -4.46 -20.55 6.71
N CYS F 73 -4.28 -20.99 7.97
CA CYS F 73 -3.57 -20.26 9.00
C CYS F 73 -2.06 -20.38 8.80
N HIS F 74 -1.47 -19.38 8.11
CA HIS F 74 -0.06 -19.36 7.78
C HIS F 74 0.75 -18.87 8.98
N THR F 75 2.03 -19.26 9.04
CA THR F 75 2.88 -18.98 10.20
C THR F 75 4.33 -18.72 9.78
N LYS F 76 5.08 -18.08 10.69
CA LYS F 76 6.47 -17.75 10.44
C LYS F 76 7.18 -17.64 11.78
N ILE F 77 8.01 -18.62 12.14
CA ILE F 77 8.67 -18.63 13.44
C ILE F 77 9.87 -17.69 13.39
N ARG F 78 10.15 -17.03 14.52
CA ARG F 78 11.26 -16.09 14.58
C ARG F 78 12.18 -16.39 15.78
N HIS F 79 11.73 -17.19 16.75
CA HIS F 79 12.63 -17.80 17.71
C HIS F 79 11.88 -18.80 18.60
N VAL F 80 12.48 -19.96 18.80
CA VAL F 80 11.96 -20.91 19.77
C VAL F 80 12.93 -21.00 20.94
N ASP F 81 12.46 -20.63 22.14
CA ASP F 81 13.06 -21.11 23.37
C ASP F 81 12.40 -22.45 23.71
N ALA F 82 13.24 -23.41 24.12
CA ALA F 82 12.80 -24.72 24.59
C ALA F 82 13.78 -25.24 25.65
N HIS F 83 13.28 -25.53 26.86
CA HIS F 83 14.18 -25.80 27.98
C HIS F 83 13.61 -26.87 28.91
N ALA F 84 14.52 -27.45 29.70
CA ALA F 84 14.15 -28.42 30.71
C ALA F 84 13.35 -27.72 31.81
N THR F 85 12.22 -28.34 32.16
CA THR F 85 11.38 -27.91 33.27
C THR F 85 11.36 -29.09 34.24
N LEU F 86 10.64 -28.95 35.35
CA LEU F 86 10.68 -29.97 36.39
C LEU F 86 10.02 -31.25 35.88
N ASN F 87 10.31 -32.38 36.54
CA ASN F 87 9.82 -33.68 36.11
C ASN F 87 9.83 -33.78 34.58
N ASP F 88 11.01 -33.47 34.02
CA ASP F 88 11.37 -33.74 32.62
C ASP F 88 10.30 -33.25 31.66
N GLY F 89 9.77 -32.06 31.95
CA GLY F 89 8.96 -31.36 30.97
C GLY F 89 9.86 -30.45 30.14
N VAL F 90 9.31 -29.99 29.02
CA VAL F 90 9.94 -29.00 28.20
C VAL F 90 9.07 -27.75 28.27
N VAL F 91 9.66 -26.60 28.63
CA VAL F 91 8.97 -25.32 28.52
C VAL F 91 9.48 -24.58 27.28
N VAL F 92 8.53 -24.07 26.50
CA VAL F 92 8.72 -23.64 25.12
C VAL F 92 8.15 -22.23 24.96
N GLN F 93 9.00 -21.23 24.64
CA GLN F 93 8.53 -19.89 24.27
C GLN F 93 8.69 -19.68 22.76
N VAL F 94 7.56 -19.65 22.04
CA VAL F 94 7.50 -19.27 20.63
C VAL F 94 7.18 -17.78 20.53
N MET F 95 7.98 -17.06 19.72
CA MET F 95 7.65 -15.74 19.21
C MET F 95 7.50 -15.82 17.69
N GLY F 96 6.35 -15.39 17.14
CA GLY F 96 6.14 -15.54 15.70
C GLY F 96 5.14 -14.55 15.13
N LEU F 97 4.77 -14.78 13.86
CA LEU F 97 3.64 -14.12 13.20
C LEU F 97 2.68 -15.19 12.68
N LEU F 98 1.37 -14.94 12.80
CA LEU F 98 0.35 -15.86 12.33
CA LEU F 98 0.35 -15.86 12.33
C LEU F 98 -0.72 -15.10 11.55
N SER F 99 -1.10 -15.66 10.40
CA SER F 99 -1.96 -15.00 9.42
C SER F 99 -3.22 -15.84 9.16
N ASN F 100 -4.16 -15.85 10.13
CA ASN F 100 -5.42 -16.52 9.94
C ASN F 100 -6.15 -15.90 8.75
N GLN F 103 -5.91 -12.63 7.14
CA GLN F 103 -5.41 -11.27 7.50
C GLN F 103 -3.92 -11.17 7.19
N ALA F 104 -3.34 -10.00 7.48
CA ALA F 104 -1.90 -9.84 7.44
C ALA F 104 -1.30 -10.42 8.72
N LEU F 105 -0.16 -11.09 8.57
CA LEU F 105 0.58 -11.67 9.69
C LEU F 105 0.60 -10.70 10.88
N ARG F 106 0.15 -11.20 12.04
CA ARG F 106 0.16 -10.45 13.29
C ARG F 106 1.04 -11.16 14.31
N ARG F 107 2.03 -10.45 14.84
CA ARG F 107 2.95 -10.98 15.83
C ARG F 107 2.17 -11.58 17.00
N PHE F 108 2.82 -12.48 17.74
CA PHE F 108 2.18 -13.13 18.88
C PHE F 108 3.24 -13.69 19.83
N MET F 109 2.78 -14.29 20.93
CA MET F 109 3.63 -15.09 21.80
C MET F 109 2.82 -16.30 22.27
N GLN F 110 3.46 -17.48 22.21
CA GLN F 110 2.86 -18.73 22.69
C GLN F 110 3.83 -19.38 23.69
N THR F 111 3.25 -20.04 24.70
CA THR F 111 4.04 -20.70 25.72
C THR F 111 3.40 -22.07 25.97
N PHE F 112 4.17 -23.13 25.66
CA PHE F 112 3.70 -24.47 25.90
C PHE F 112 4.48 -25.08 27.05
N VAL F 113 3.86 -26.07 27.68
CA VAL F 113 4.63 -27.02 28.46
C VAL F 113 4.36 -28.41 27.86
N LEU F 114 5.45 -29.17 27.75
CA LEU F 114 5.44 -30.50 27.18
C LEU F 114 5.85 -31.49 28.28
N ALA F 115 4.90 -32.37 28.63
CA ALA F 115 5.06 -33.32 29.73
C ALA F 115 5.20 -34.74 29.19
N PRO F 116 6.18 -35.54 29.65
CA PRO F 116 6.31 -36.95 29.23
C PRO F 116 4.98 -37.70 29.33
N GLU F 117 4.71 -38.63 28.41
CA GLU F 117 3.47 -39.37 28.45
C GLU F 117 3.59 -40.38 29.59
N GLY F 118 4.67 -41.18 29.56
CA GLY F 118 5.12 -41.88 30.76
C GLY F 118 5.35 -43.38 30.55
N SER F 119 4.42 -44.01 29.82
CA SER F 119 4.49 -45.42 29.47
C SER F 119 5.43 -45.65 28.28
N VAL F 120 5.61 -44.61 27.46
CA VAL F 120 6.39 -44.70 26.23
C VAL F 120 7.60 -43.77 26.33
N ALA F 121 8.66 -44.12 25.59
CA ALA F 121 9.84 -43.28 25.47
C ALA F 121 9.58 -42.20 24.44
N ASN F 122 10.23 -41.05 24.62
CA ASN F 122 10.22 -39.97 23.65
C ASN F 122 8.78 -39.62 23.29
N LYS F 123 7.91 -39.67 24.30
CA LYS F 123 6.52 -39.29 24.10
C LYS F 123 6.16 -38.25 25.15
N PHE F 124 5.28 -37.33 24.74
CA PHE F 124 4.84 -36.25 25.59
C PHE F 124 3.40 -35.92 25.19
N TYR F 125 2.72 -35.21 26.08
CA TYR F 125 1.49 -34.51 25.79
C TYR F 125 1.78 -33.03 26.05
N VAL F 126 0.98 -32.14 25.47
CA VAL F 126 1.04 -30.73 25.84
C VAL F 126 0.13 -30.52 27.04
N HIS F 127 0.76 -30.32 28.21
CA HIS F 127 0.08 -29.97 29.44
C HIS F 127 -0.59 -28.59 29.34
N ASN F 128 0.12 -27.65 28.69
CA ASN F 128 -0.28 -26.24 28.67
C ASN F 128 0.05 -25.61 27.32
N ASP F 129 -0.96 -24.96 26.76
CA ASP F 129 -0.85 -24.08 25.61
C ASP F 129 -1.53 -22.75 25.97
N ILE F 130 -0.75 -21.67 25.80
CA ILE F 130 -1.11 -20.31 26.21
C ILE F 130 -0.77 -19.39 25.05
N PHE F 131 -1.80 -18.95 24.31
CA PHE F 131 -1.62 -18.06 23.17
C PHE F 131 -2.20 -16.68 23.46
N ARG F 132 -1.37 -15.65 23.24
CA ARG F 132 -1.81 -14.27 23.26
C ARG F 132 -1.15 -13.52 22.10
N TYR F 133 -1.96 -12.77 21.34
CA TYR F 133 -1.48 -11.78 20.39
C TYR F 133 -0.90 -10.57 21.10
N GLN F 134 -0.02 -9.85 20.39
CA GLN F 134 0.76 -8.75 20.93
C GLN F 134 0.02 -7.42 20.74
N ASP F 135 -0.58 -7.22 19.56
CA ASP F 135 -1.31 -5.99 19.25
C ASP F 135 -2.56 -5.86 20.13
N GLU F 136 -2.97 -6.97 20.75
CA GLU F 136 -4.11 -7.00 21.66
C GLU F 136 -3.67 -6.66 23.08
N VAL F 137 -2.37 -6.62 23.33
CA VAL F 137 -1.90 -6.35 24.67
C VAL F 137 -1.36 -4.91 24.74
N PHE F 138 -0.59 -4.51 23.72
CA PHE F 138 0.09 -3.23 23.73
C PHE F 138 -0.73 -2.22 22.92
N1 Y9M G . -30.31 4.03 5.80
N3 Y9M G . -29.96 1.70 3.40
C4 Y9M G . -31.81 7.66 7.47
C5 Y9M G . -31.00 8.93 7.41
C6 Y9M G . -31.84 10.15 7.64
C7 Y9M G . -31.01 11.41 7.35
C8 Y9M G . -31.68 12.61 8.05
C10 Y9M G . -29.60 11.29 7.93
C13 Y9M G . -34.55 5.89 6.62
C15 Y9M G . -26.82 2.72 5.03
C17 Y9M G . -27.84 5.60 7.15
C20 Y9M G . -26.43 6.98 5.24
C21 Y9M G . -26.79 5.66 5.02
C22 Y9M G . -29.80 1.98 4.70
C24 Y9M G . -30.27 0.40 1.38
C26 Y9M G . -33.58 -1.48 3.91
C28 Y9M G . -35.64 -2.88 3.24
C1 Y9M G . -29.27 3.38 5.01
C2 Y9M G . -30.95 5.12 5.36
O1 Y9M G . -30.64 5.70 4.32
C3 Y9M G . -32.13 5.61 6.21
N2 Y9M G . -31.98 7.06 6.29
O2 Y9M G . -32.10 7.15 8.56
F1 Y9M G . -30.41 9.01 6.13
C9 Y9M G . -30.94 11.71 5.85
C11 Y9M G . -33.51 5.24 5.69
C12 Y9M G . -33.68 3.72 5.67
O3 Y9M G . -33.71 5.78 4.38
C14 Y9M G . -27.92 3.50 5.75
C16 Y9M G . -27.51 4.95 5.97
C18 Y9M G . -27.47 6.92 7.38
C19 Y9M G . -26.76 7.61 6.43
O4 Y9M G . -30.11 1.19 5.59
C23 Y9M G . -30.44 0.43 2.89
C25 Y9M G . -31.90 0.16 3.25
O5 Y9M G . -32.71 1.09 3.26
N4 Y9M G . -32.24 -1.11 3.49
C27 Y9M G . -34.18 -2.54 2.96
O6 Y9M G . -35.74 -4.10 3.98
C29 Y9M G . -36.60 -5.07 3.42
C30 Y9M G . -33.52 -1.97 5.36
O7 Y9M G . -33.42 -3.18 5.59
N5 Y9M G . -33.59 -1.10 6.40
C31 Y9M G . -33.75 0.34 6.24
C32 Y9M G . -33.51 -1.59 7.79
C33 Y9M G . -32.09 -1.70 8.28
C34 Y9M G . -31.83 -2.11 9.59
C35 Y9M G . -30.52 -2.21 10.04
C36 Y9M G . -29.47 -1.92 9.20
C37 Y9M G . -29.71 -1.51 7.91
C38 Y9M G . -31.02 -1.42 7.45
N1 Y9M H . 24.98 -16.79 -22.69
N3 Y9M H . 23.95 -15.45 -19.77
C4 Y9M H . 26.89 -17.04 -26.22
C5 Y9M H . 26.17 -16.29 -27.32
C6 Y9M H . 26.93 -16.27 -28.60
C7 Y9M H . 26.04 -15.74 -29.73
C8 Y9M H . 25.23 -14.48 -29.38
C10 Y9M H . 26.98 -15.41 -30.90
C13 Y9M H . 28.31 -16.04 -21.65
C15 Y9M H . 21.26 -16.28 -21.86
C17 Y9M H . 22.39 -17.74 -24.99
C20 Y9M H . 21.82 -15.26 -26.03
C21 Y9M H . 21.99 -15.42 -24.66
C22 Y9M H . 23.96 -16.53 -20.56
C24 Y9M H . 23.97 -14.17 -17.68
C26 Y9M H . 27.60 -16.19 -16.59
C1 Y9M H . 23.79 -16.27 -22.06
C2 Y9M H . 25.93 -16.00 -23.21
O1 Y9M H . 25.84 -14.77 -23.24
C3 Y9M H . 27.17 -16.71 -23.79
N2 Y9M H . 27.26 -16.29 -25.18
O2 Y9M H . 26.88 -18.29 -26.22
F1 Y9M H . 26.02 -14.96 -26.89
C9 Y9M H . 25.03 -16.79 -30.17
C11 Y9M H . 28.49 -16.42 -23.10
C12 Y9M H . 29.36 -17.66 -23.26
O3 Y9M H . 29.16 -15.34 -23.74
C14 Y9M H . 22.46 -16.84 -22.62
C16 Y9M H . 22.29 -16.66 -24.12
C18 Y9M H . 22.21 -17.58 -26.36
C19 Y9M H . 21.93 -16.34 -26.87
O4 Y9M H . 24.14 -17.69 -20.14
C23 Y9M H . 24.26 -15.52 -18.35
C25 Y9M H . 25.73 -15.84 -18.17
O5 Y9M H . 26.44 -15.93 -19.16
N4 Y9M H . 26.19 -16.03 -16.92
C27 Y9M H . 28.06 -15.06 -15.65
C30 Y9M H . 27.81 -17.55 -15.93
O7 Y9M H . 28.19 -17.58 -14.77
N5 Y9M H . 27.65 -18.68 -16.65
C31 Y9M H . 27.63 -18.67 -18.12
C32 Y9M H . 27.36 -19.98 -16.02
C33 Y9M H . 26.01 -20.52 -16.44
C34 Y9M H . 25.81 -21.89 -16.63
C35 Y9M H . 24.57 -22.37 -17.02
C36 Y9M H . 23.52 -21.51 -17.25
C37 Y9M H . 23.71 -20.15 -17.08
C38 Y9M H . 24.95 -19.66 -16.67
N1 Y9M I . -4.65 13.81 -14.68
N3 Y9M I . -6.58 16.35 -13.91
C4 Y9M I . -4.21 10.33 -17.53
C5 Y9M I . -5.03 9.07 -17.69
C6 Y9M I . -4.23 7.82 -17.37
C7 Y9M I . -4.33 7.32 -15.92
C8 Y9M I . -5.73 7.48 -15.32
C10 Y9M I . -4.01 5.82 -15.89
C13 Y9M I . -4.08 15.14 -17.31
C15 Y9M I . -5.22 14.36 -10.97
C17 Y9M I . -3.44 11.53 -12.00
C20 Y9M I . -5.77 10.10 -12.37
C21 Y9M I . -5.79 11.48 -12.39
C22 Y9M I . -5.38 15.83 -13.65
C24 Y9M I . -8.24 18.08 -13.46
C26 Y9M I . -5.19 20.10 -16.43
C28 Y9M I . -6.15 20.78 -18.69
C1 Y9M I . -5.34 14.31 -13.50
C2 Y9M I . -5.27 13.10 -15.63
O1 Y9M I . -6.47 12.82 -15.57
C3 Y9M I . -4.36 12.64 -16.77
N2 Y9M I . -4.89 11.48 -17.48
O2 Y9M I . -2.98 10.26 -17.45
F1 Y9M I . -5.50 8.97 -19.01
C9 Y9M I . -3.31 8.08 -15.06
C11 Y9M I . -4.08 13.71 -17.81
C12 Y9M I . -2.77 13.36 -18.54
O3 Y9M I . -5.11 13.61 -18.79
C14 Y9M I . -4.64 13.75 -12.24
C16 Y9M I . -4.62 12.22 -12.21
C18 Y9M I . -3.44 10.13 -11.99
C19 Y9M I . -4.60 9.43 -12.16
O4 Y9M I . -4.35 16.51 -13.57
C23 Y9M I . -6.81 17.79 -13.90
C25 Y9M I . -6.51 18.39 -15.26
O5 Y9M I . -6.76 17.75 -16.29
N4 Y9M I . -5.95 19.60 -15.29
C27 Y9M I . -6.07 21.07 -17.21
O6 Y9M I . -6.83 19.56 -18.95
C29 Y9M I . -6.13 18.72 -19.86
C30 Y9M I . -3.87 20.72 -15.94
O7 Y9M I . -3.83 21.93 -15.75
N5 Y9M I . -2.78 19.95 -15.69
C31 Y9M I . -2.74 18.52 -16.00
C32 Y9M I . -1.55 20.49 -15.08
N1 Y9M J . 1.39 7.64 -25.71
N3 Y9M J . 3.41 7.58 -28.39
C4 Y9M J . -0.09 7.85 -21.80
C5 Y9M J . 0.38 6.99 -20.66
C6 Y9M J . 0.28 7.67 -19.31
C7 Y9M J . 0.51 6.70 -18.15
C8 Y9M J . 0.22 7.41 -16.83
C10 Y9M J . -0.45 5.52 -18.30
C13 Y9M J . 0.96 10.84 -25.43
C15 Y9M J . 1.97 4.35 -27.54
C17 Y9M J . 0.02 4.60 -24.54
C20 Y9M J . 2.29 3.97 -23.14
C21 Y9M J . 2.39 4.46 -24.43
C22 Y9M J . 2.16 7.36 -27.95
C24 Y9M J . 5.06 8.13 -30.13
C26 Y9M J . 2.37 11.87 -30.14
C28 Y9M J . 4.01 13.83 -30.05
C1 Y9M J . 2.08 6.70 -26.58
C2 Y9M J . 1.84 8.18 -24.57
O1 Y9M J . 3.00 7.99 -24.15
C3 Y9M J . 0.80 8.97 -23.78
N2 Y9M J . 0.85 8.60 -22.39
O2 Y9M J . -1.23 7.68 -22.27
F1 Y9M J . 1.74 6.68 -20.88
C9 Y9M J . 1.95 6.19 -18.06
C11 Y9M J . 0.95 10.46 -23.95
C12 Y9M J . -0.24 11.09 -23.24
O3 Y9M J . 2.20 10.89 -23.37
C14 Y9M J . 1.35 5.34 -26.56
C16 Y9M J . 1.25 4.78 -25.14
C18 Y9M J . -0.07 4.10 -23.23
C19 Y9M J . 1.07 3.77 -22.55
O4 Y9M J . 1.13 7.65 -28.59
C23 Y9M J . 3.64 8.33 -29.62
C25 Y9M J . 3.39 9.82 -29.34
O5 Y9M J . 3.89 10.35 -28.35
N4 Y9M J . 2.59 10.44 -30.20
C27 Y9M J . 3.59 12.57 -30.75
O6 Y9M J . 2.84 14.57 -29.79
C29 Y9M J . 2.59 14.78 -28.42
C30 Y9M J . 1.05 12.16 -30.83
O7 Y9M J . 1.05 12.38 -32.04
N5 Y9M J . -0.12 12.14 -30.15
C31 Y9M J . -0.20 12.09 -28.70
C32 Y9M J . -1.40 12.07 -30.88
C33 Y9M J . -1.89 10.65 -31.02
C34 Y9M J . -1.01 9.64 -31.39
C35 Y9M J . -1.46 8.33 -31.51
C36 Y9M J . -2.77 8.03 -31.24
C37 Y9M J . -3.65 9.02 -30.87
C38 Y9M J . -3.21 10.32 -30.75
N1 Y9M K . 11.12 17.54 22.85
N3 Y9M K . 8.18 17.88 24.63
C4 Y9M K . 14.76 16.02 22.13
C5 Y9M K . 15.82 16.22 23.19
C6 Y9M K . 17.16 15.63 22.80
C7 Y9M K . 18.37 16.34 23.43
C8 Y9M K . 18.46 17.81 23.03
C10 Y9M K . 18.33 16.26 24.96
C13 Y9M K . 10.14 14.48 22.84
C15 Y9M K . 10.05 20.93 24.16
C17 Y9M K . 12.90 20.28 22.03
C20 Y9M K . 14.40 19.93 24.32
C21 Y9M K . 13.01 19.85 24.37
C22 Y9M K . 8.87 18.11 23.50
C24 Y9M K . 6.16 17.53 25.92
C26 Y9M K . 5.93 14.64 22.24
C28 Y9M K . 4.98 12.84 23.79
C1 Y9M K . 10.34 18.45 23.68
C2 Y9M K . 11.97 16.62 23.34
O1 Y9M K . 12.38 16.64 24.50
C3 Y9M K . 12.38 15.51 22.36
N2 Y9M K . 13.79 15.17 22.44
O2 Y9M K . 14.83 16.64 21.05
F1 Y9M K . 15.36 15.58 24.36
C9 Y9M K . 19.64 15.63 22.95
C11 Y9M K . 11.63 14.22 22.59
C12 Y9M K . 11.81 13.30 21.40
O3 Y9M K . 12.20 13.62 23.76
C14 Y9M K . 10.74 19.89 23.28
C16 Y9M K . 12.25 20.03 23.23
C18 Y9M K . 14.29 20.35 21.98
C19 Y9M K . 15.03 20.20 23.13
O4 Y9M K . 8.35 18.05 22.38
C23 Y9M K . 6.82 17.39 24.56
C25 Y9M K . 6.83 15.94 24.10
O5 Y9M K . 7.79 15.22 24.38
N4 Y9M K . 5.76 15.49 23.41
C27 Y9M K . 5.17 13.31 22.36
O6 Y9M K . 4.32 13.86 24.51
C29 Y9M K . 4.06 13.51 25.86
C30 Y9M K . 5.48 15.41 21.00
O7 Y9M K . 4.28 15.62 20.82
N5 Y9M K . 6.43 15.85 20.14
C31 Y9M K . 6.13 16.82 19.09
C32 Y9M K . 7.83 15.39 20.20
N1 Y9M L . 4.22 -36.44 19.75
N3 Y9M L . 1.15 -36.43 21.44
C4 Y9M L . 8.42 -37.37 19.23
C5 Y9M L . 9.83 -37.57 19.72
C6 Y9M L . 10.80 -36.54 19.13
C7 Y9M L . 12.11 -36.29 19.88
C8 Y9M L . 12.51 -34.82 19.64
C10 Y9M L . 12.02 -36.53 21.39
C13 Y9M L . 6.36 -40.07 18.02
C15 Y9M L . 2.75 -33.39 21.42
C17 Y9M L . 5.43 -33.42 18.97
C20 Y9M L . 7.13 -33.81 21.12
C21 Y9M L . 5.77 -34.07 21.24
C22 Y9M L . 1.83 -36.16 20.32
C24 Y9M L . -0.72 -37.06 22.86
C26 Y9M L . -1.68 -40.19 19.99
C28 Y9M L . -3.77 -40.25 21.46
C1 Y9M L . 3.26 -35.69 20.53
C2 Y9M L . 5.23 -37.13 20.31
O1 Y9M L . 5.46 -37.11 21.52
C3 Y9M L . 6.08 -38.00 19.39
N2 Y9M L . 7.46 -38.00 19.89
O2 Y9M L . 8.19 -36.67 18.25
F1 Y9M L . 10.26 -38.87 19.33
C9 Y9M L . 13.24 -37.18 19.38
C11 Y9M L . 5.71 -39.46 19.27
C12 Y9M L . 4.20 -39.66 19.22
O3 Y9M L . 6.29 -40.16 20.39
C14 Y9M L . 3.44 -34.18 20.30
C16 Y9M L . 4.91 -33.87 20.17
C18 Y9M L . 6.79 -33.16 18.85
C19 Y9M L . 7.64 -33.36 19.93
O4 Y9M L . 1.34 -36.31 19.19
C23 Y9M L . -0.19 -36.99 21.43
C25 Y9M L . -0.27 -38.35 20.76
O5 Y9M L . 0.75 -38.92 20.37
N4 Y9M L . -1.49 -38.89 20.61
C27 Y9M L . -2.67 -41.05 20.79
O6 Y9M L . -3.23 -39.27 22.34
C29 Y9M L . -4.20 -38.41 22.89
C30 Y9M L . -2.15 -39.95 18.55
O7 Y9M L . -3.36 -39.93 18.34
N5 Y9M L . -1.27 -39.77 17.55
C31 Y9M L . 0.17 -40.04 17.67
C32 Y9M L . -1.70 -39.19 16.26
C33 Y9M L . -1.88 -37.68 16.29
C34 Y9M L . -1.20 -36.91 17.22
C35 Y9M L . -1.35 -35.53 17.23
C36 Y9M L . -2.20 -34.92 16.34
C37 Y9M L . -2.88 -35.68 15.42
C38 Y9M L . -2.73 -37.06 15.39
#